data_4RN1
#
_entry.id   4RN1
#
_cell.length_a   54.051
_cell.length_b   85.124
_cell.length_c   95.354
_cell.angle_alpha   90.00
_cell.angle_beta   100.21
_cell.angle_gamma   90.00
#
_symmetry.space_group_name_H-M   'P 1 21 1'
#
loop_
_entity.id
_entity.type
_entity.pdbx_description
1 polymer 'Histone deacetylase 8'
2 non-polymer 'ZINC ION'
3 non-polymer 'POTASSIUM ION'
4 non-polymer (5R,8S,11S)-5-methyl-8-(propan-2-yl)-11-[(1E)-4-sulfanylbut-1-en-1-yl]-3-thia-7,10,14,20,21-pentaazatricyclo[14.3.1.1~2,5~]henicosa-1(20),2(21),16,18-tetraene-6,9,13-trione
5 non-polymer IMIDAZOLE
6 non-polymer GLYCEROL
7 water water
#
_entity_poly.entity_id   1
_entity_poly.type   'polypeptide(L)'
_entity_poly.pdbx_seq_one_letter_code
;MEEPEEPADSGQSLVPVYIYSPEYVSMCDSLAKIPKRADMVHSLIEAYALHKQMRIVKPKVASMEEMATFHTDAYLQHLQ
KVSQEGDDDHPDSIEYGLGYDCPATEGIFDYAAAIGGATITAAQCLIDGMCKVAINWSGGWHHAKKDEASGFCYLNDAVL
GILRLRRKFERILYVDLDLHHGDGVEDAFSFTSKVMTVSLHKFSPGFFPGTGDVSDVGLGKGRYYSVNVPIQDGIQDEKY
YQICESVLKEVYQAFNPKAVVLQLGADTIAGDPMCSFNMTPVGIGKCLKYILQWQLATLILGGGGYNLANTARCWTYLTG
VILGKTLSSEIPDHEFFTAYGPDYVLEITPSCRPDRNEPHRIQQILNYIKGNLKHVVIEGRGSHHHHHH
;
_entity_poly.pdbx_strand_id   A,B
#
loop_
_chem_comp.id
_chem_comp.type
_chem_comp.name
_chem_comp.formula
GOL non-polymer GLYCEROL 'C3 H8 O3'
IMD non-polymer IMIDAZOLE 'C3 H5 N2 1'
K non-polymer 'POTASSIUM ION' 'K 1'
L8G non-polymer (5R,8S,11S)-5-methyl-8-(propan-2-yl)-11-[(1E)-4-sulfanylbut-1-en-1-yl]-3-thia-7,10,14,20,21-pentaazatricyclo[14.3.1.1~2,5~]henicosa-1(20),2(21),16,18-tetraene-6,9,13-trione 'C23 H31 N5 O3 S2'
ZN non-polymer 'ZINC ION' 'Zn 2'
#
# COMPACT_ATOMS: atom_id res chain seq x y z
N LEU A 14 -23.36 -4.14 -33.02
CA LEU A 14 -22.12 -3.38 -32.91
C LEU A 14 -21.17 -4.02 -31.91
N VAL A 15 -19.92 -4.20 -32.33
CA VAL A 15 -18.91 -4.78 -31.47
C VAL A 15 -18.27 -3.72 -30.58
N PRO A 16 -17.86 -4.11 -29.36
CA PRO A 16 -17.20 -3.15 -28.45
C PRO A 16 -15.90 -2.62 -29.03
N VAL A 17 -15.59 -1.36 -28.73
CA VAL A 17 -14.31 -0.78 -29.12
C VAL A 17 -13.28 -1.08 -28.04
N TYR A 18 -12.11 -1.54 -28.48
CA TYR A 18 -11.04 -1.92 -27.57
C TYR A 18 -9.81 -1.06 -27.83
N ILE A 19 -9.60 -0.07 -26.97
CA ILE A 19 -8.47 0.84 -27.12
C ILE A 19 -7.15 0.13 -26.86
N TYR A 20 -6.35 -0.05 -27.91
CA TYR A 20 -5.08 -0.75 -27.79
C TYR A 20 -4.10 -0.45 -28.92
N SER A 21 -2.82 -0.35 -28.54
CA SER A 21 -1.71 -0.42 -29.47
C SER A 21 -0.50 -0.88 -28.67
N PRO A 22 0.42 -1.61 -29.30
CA PRO A 22 1.61 -2.07 -28.59
C PRO A 22 2.41 -0.92 -27.99
N GLU A 23 2.39 0.24 -28.66
CA GLU A 23 3.07 1.42 -28.14
C GLU A 23 2.34 1.98 -26.92
N TYR A 24 1.01 1.86 -26.93
CA TYR A 24 0.20 2.36 -25.83
C TYR A 24 0.41 1.54 -24.56
N VAL A 25 0.39 0.22 -24.71
CA VAL A 25 0.61 -0.70 -23.60
C VAL A 25 1.97 -0.50 -22.94
N SER A 26 3.01 -0.38 -23.76
CA SER A 26 4.36 -0.18 -23.25
CA SER A 26 4.36 -0.17 -23.26
C SER A 26 4.47 1.16 -22.52
N MET A 27 3.77 2.17 -23.03
CA MET A 27 3.78 3.49 -22.41
C MET A 27 3.07 3.46 -21.06
N CYS A 28 2.03 2.66 -20.96
CA CYS A 28 1.26 2.54 -19.72
C CYS A 28 2.06 1.86 -18.61
N ASP A 29 3.06 1.09 -19.00
CA ASP A 29 3.91 0.40 -18.03
C ASP A 29 5.26 1.10 -17.87
N SER A 30 5.42 2.25 -18.52
CA SER A 30 6.70 2.93 -18.56
C SER A 30 7.10 3.57 -17.22
N LEU A 31 6.12 3.80 -16.34
CA LEU A 31 6.42 4.36 -15.03
C LEU A 31 6.76 3.27 -14.03
N ALA A 32 6.36 2.03 -14.37
CA ALA A 32 6.64 0.85 -13.56
C ALA A 32 6.10 0.97 -12.13
N LYS A 33 5.04 1.75 -11.95
CA LYS A 33 4.40 1.85 -10.64
C LYS A 33 3.73 0.52 -10.29
N ILE A 34 3.14 -0.11 -11.31
CA ILE A 34 2.58 -1.45 -11.17
C ILE A 34 3.12 -2.30 -12.32
N PRO A 35 4.30 -2.90 -12.11
CA PRO A 35 5.16 -3.54 -13.13
C PRO A 35 4.43 -4.44 -14.13
N LYS A 36 4.40 -3.98 -15.38
CA LYS A 36 3.91 -4.76 -16.53
C LYS A 36 2.44 -5.19 -16.43
N ARG A 37 1.65 -4.48 -15.64
CA ARG A 37 0.24 -4.86 -15.47
C ARG A 37 -0.54 -4.71 -16.78
N ALA A 38 -0.33 -3.61 -17.48
CA ALA A 38 -1.03 -3.36 -18.73
C ALA A 38 -0.71 -4.43 -19.76
N ASP A 39 0.53 -4.89 -19.76
CA ASP A 39 0.96 -5.95 -20.66
C ASP A 39 0.33 -7.29 -20.28
N MET A 40 0.31 -7.59 -18.98
CA MET A 40 -0.31 -8.82 -18.49
C MET A 40 -1.81 -8.86 -18.79
N VAL A 41 -2.47 -7.71 -18.65
CA VAL A 41 -3.90 -7.63 -18.90
C VAL A 41 -4.23 -7.90 -20.37
N HIS A 42 -3.51 -7.23 -21.27
CA HIS A 42 -3.72 -7.41 -22.70
C HIS A 42 -3.33 -8.81 -23.17
N SER A 43 -2.23 -9.33 -22.62
CA SER A 43 -1.74 -10.65 -23.01
C SER A 43 -2.73 -11.76 -22.67
N LEU A 44 -3.39 -11.63 -21.52
CA LEU A 44 -4.38 -12.62 -21.11
C LEU A 44 -5.63 -12.51 -21.99
N ILE A 45 -6.05 -11.28 -22.26
CA ILE A 45 -7.17 -11.02 -23.18
C ILE A 45 -6.84 -11.58 -24.56
N GLU A 46 -5.60 -11.38 -24.99
CA GLU A 46 -5.13 -11.87 -26.28
C GLU A 46 -5.05 -13.40 -26.28
N ALA A 47 -4.69 -13.97 -25.14
CA ALA A 47 -4.55 -15.42 -25.01
C ALA A 47 -5.92 -16.11 -25.09
N TYR A 48 -6.97 -15.39 -24.68
CA TYR A 48 -8.33 -15.90 -24.81
C TYR A 48 -8.92 -15.49 -26.15
N ALA A 49 -8.12 -14.79 -26.95
CA ALA A 49 -8.51 -14.35 -28.29
C ALA A 49 -9.76 -13.49 -28.29
N LEU A 50 -9.97 -12.73 -27.22
CA LEU A 50 -11.14 -11.87 -27.11
C LEU A 50 -11.03 -10.64 -28.01
N HIS A 51 -9.79 -10.24 -28.28
CA HIS A 51 -9.55 -9.07 -29.12
C HIS A 51 -10.00 -9.30 -30.55
N LYS A 52 -10.09 -10.56 -30.95
CA LYS A 52 -10.58 -10.94 -32.27
C LYS A 52 -12.04 -10.56 -32.43
N GLN A 53 -12.76 -10.50 -31.31
CA GLN A 53 -14.19 -10.23 -31.33
C GLN A 53 -14.51 -8.77 -31.06
N MET A 54 -13.46 -7.95 -30.92
CA MET A 54 -13.65 -6.53 -30.67
C MET A 54 -13.03 -5.69 -31.78
N ARG A 55 -13.36 -4.41 -31.81
CA ARG A 55 -12.79 -3.49 -32.79
C ARG A 55 -11.62 -2.71 -32.19
N ILE A 56 -10.41 -3.16 -32.50
CA ILE A 56 -9.20 -2.55 -31.95
C ILE A 56 -8.99 -1.14 -32.49
N VAL A 57 -8.85 -0.18 -31.58
CA VAL A 57 -8.69 1.22 -31.95
C VAL A 57 -7.42 1.81 -31.36
N LYS A 58 -6.56 2.35 -32.20
CA LYS A 58 -5.32 2.98 -31.77
C LYS A 58 -5.63 4.31 -31.06
N PRO A 59 -5.16 4.46 -29.82
CA PRO A 59 -5.40 5.69 -29.05
C PRO A 59 -4.57 6.88 -29.54
N LYS A 60 -5.19 8.05 -29.58
CA LYS A 60 -4.46 9.27 -29.90
C LYS A 60 -3.81 9.82 -28.64
N VAL A 61 -2.80 10.67 -28.80
CA VAL A 61 -2.14 11.30 -27.66
C VAL A 61 -2.80 12.63 -27.34
N ALA A 62 -3.07 12.87 -26.06
CA ALA A 62 -3.73 14.10 -25.64
C ALA A 62 -2.81 15.30 -25.79
N SER A 63 -3.33 16.36 -26.38
CA SER A 63 -2.59 17.61 -26.51
C SER A 63 -2.58 18.36 -25.18
N MET A 64 -1.80 19.42 -25.11
CA MET A 64 -1.72 20.25 -23.92
C MET A 64 -3.08 20.88 -23.61
N GLU A 65 -3.78 21.28 -24.67
CA GLU A 65 -5.09 21.92 -24.54
C GLU A 65 -6.15 20.95 -24.04
N GLU A 66 -6.11 19.72 -24.53
CA GLU A 66 -7.07 18.70 -24.13
C GLU A 66 -6.91 18.34 -22.65
N MET A 67 -5.67 18.23 -22.19
CA MET A 67 -5.41 17.93 -20.79
C MET A 67 -5.75 19.12 -19.90
N ALA A 68 -5.72 20.32 -20.49
CA ALA A 68 -5.95 21.55 -19.73
C ALA A 68 -7.44 21.84 -19.53
N THR A 69 -8.29 20.96 -20.05
CA THR A 69 -9.74 21.12 -19.85
C THR A 69 -10.12 20.84 -18.41
N PHE A 70 -9.19 20.26 -17.65
CA PHE A 70 -9.42 19.99 -16.23
C PHE A 70 -8.19 20.35 -15.40
N HIS A 71 -7.02 19.91 -15.84
CA HIS A 71 -5.79 20.16 -15.10
C HIS A 71 -5.27 21.57 -15.36
N THR A 72 -4.71 22.19 -14.34
CA THR A 72 -4.21 23.55 -14.43
C THR A 72 -2.96 23.62 -15.29
N ASP A 73 -2.74 24.78 -15.92
CA ASP A 73 -1.57 25.00 -16.76
C ASP A 73 -0.29 24.85 -15.95
N ALA A 74 -0.30 25.36 -14.72
CA ALA A 74 0.86 25.32 -13.85
C ALA A 74 1.32 23.89 -13.57
N TYR A 75 0.35 22.99 -13.39
CA TYR A 75 0.65 21.58 -13.15
C TYR A 75 1.20 20.90 -14.40
N LEU A 76 0.51 21.12 -15.52
CA LEU A 76 0.89 20.49 -16.79
C LEU A 76 2.24 20.99 -17.30
N GLN A 77 2.48 22.29 -17.14
CA GLN A 77 3.75 22.88 -17.58
C GLN A 77 4.91 22.38 -16.71
N HIS A 78 4.61 22.04 -15.47
CA HIS A 78 5.63 21.49 -14.58
C HIS A 78 6.04 20.09 -15.05
N LEU A 79 5.04 19.30 -15.44
CA LEU A 79 5.30 17.94 -15.93
C LEU A 79 6.10 17.96 -17.23
N GLN A 80 5.80 18.91 -18.10
CA GLN A 80 6.49 19.02 -19.38
C GLN A 80 7.91 19.52 -19.18
N LYS A 81 8.10 20.38 -18.18
CA LYS A 81 9.42 20.93 -17.87
C LYS A 81 10.35 19.86 -17.31
N VAL A 82 9.88 19.10 -16.32
CA VAL A 82 10.69 18.07 -15.70
C VAL A 82 10.92 16.90 -16.66
N SER A 83 10.10 16.82 -17.70
CA SER A 83 10.31 15.81 -18.74
C SER A 83 11.50 16.21 -19.60
N GLN A 84 11.84 17.49 -19.56
CA GLN A 84 12.92 18.04 -20.38
C GLN A 84 14.17 18.35 -19.57
N GLU A 85 13.99 18.72 -18.31
CA GLU A 85 15.11 19.17 -17.48
C GLU A 85 15.28 18.35 -16.20
N GLY A 86 14.25 17.61 -15.81
CA GLY A 86 14.29 16.82 -14.60
C GLY A 86 13.71 17.57 -13.42
N ASP A 87 13.65 16.91 -12.27
CA ASP A 87 13.10 17.51 -11.06
C ASP A 87 14.08 18.52 -10.46
N ASP A 92 12.48 25.63 -2.31
CA ASP A 92 11.05 25.83 -2.04
C ASP A 92 10.20 25.44 -3.25
N SER A 93 10.29 24.18 -3.64
CA SER A 93 9.55 23.68 -4.79
C SER A 93 8.06 23.54 -4.49
N ILE A 94 7.22 23.63 -5.49
CA ILE A 94 5.79 23.50 -5.31
C ILE A 94 5.37 22.05 -5.16
N GLU A 95 4.26 21.87 -4.47
CA GLU A 95 3.78 20.52 -4.19
C GLU A 95 2.74 20.06 -5.22
N TYR A 96 3.15 19.17 -6.10
CA TYR A 96 2.25 18.62 -7.11
C TYR A 96 2.02 17.12 -6.89
N GLY A 97 2.42 16.63 -5.72
CA GLY A 97 2.22 15.23 -5.37
C GLY A 97 3.15 14.28 -6.10
N LEU A 98 4.35 14.78 -6.46
CA LEU A 98 5.30 13.99 -7.23
C LEU A 98 6.50 13.58 -6.37
N GLY A 99 6.37 13.72 -5.06
CA GLY A 99 7.46 13.44 -4.14
C GLY A 99 7.93 11.99 -4.08
N TYR A 100 7.16 11.09 -4.69
CA TYR A 100 7.51 9.68 -4.70
C TYR A 100 8.12 9.25 -6.03
N ASP A 101 8.38 10.21 -6.92
CA ASP A 101 8.88 9.91 -8.24
C ASP A 101 10.19 10.62 -8.57
N CYS A 102 10.85 11.14 -7.53
CA CYS A 102 12.13 11.83 -7.69
C CYS A 102 13.20 11.08 -8.53
N PRO A 103 13.32 9.75 -8.36
CA PRO A 103 14.30 9.06 -9.21
C PRO A 103 13.98 9.13 -10.71
N ALA A 104 12.73 9.33 -11.07
CA ALA A 104 12.35 9.38 -12.49
C ALA A 104 11.04 10.13 -12.71
N THR A 105 11.13 11.41 -13.03
CA THR A 105 9.95 12.22 -13.30
C THR A 105 9.79 12.54 -14.79
N GLU A 106 10.78 12.18 -15.58
CA GLU A 106 10.84 12.63 -16.97
C GLU A 106 9.82 11.94 -17.87
N GLY A 107 9.29 10.80 -17.43
CA GLY A 107 8.38 10.04 -18.25
C GLY A 107 6.92 10.22 -17.90
N ILE A 108 6.67 11.07 -16.90
CA ILE A 108 5.31 11.25 -16.41
C ILE A 108 4.42 12.00 -17.41
N PHE A 109 4.97 13.04 -18.04
CA PHE A 109 4.20 13.84 -18.97
C PHE A 109 3.68 13.01 -20.15
N ASP A 110 4.55 12.17 -20.72
CA ASP A 110 4.14 11.33 -21.85
C ASP A 110 3.17 10.24 -21.42
N TYR A 111 3.34 9.74 -20.19
CA TYR A 111 2.40 8.78 -19.62
C TYR A 111 1.02 9.41 -19.51
N ALA A 112 0.97 10.60 -18.94
CA ALA A 112 -0.29 11.32 -18.74
C ALA A 112 -0.96 11.64 -20.07
N ALA A 113 -0.17 12.02 -21.05
CA ALA A 113 -0.70 12.37 -22.37
C ALA A 113 -1.29 11.15 -23.08
N ALA A 114 -0.65 9.99 -22.87
CA ALA A 114 -1.12 8.75 -23.49
C ALA A 114 -2.36 8.23 -22.78
N ILE A 115 -2.37 8.29 -21.46
CA ILE A 115 -3.52 7.89 -20.67
C ILE A 115 -4.72 8.78 -20.99
N GLY A 116 -4.49 10.10 -20.95
CA GLY A 116 -5.52 11.06 -21.25
C GLY A 116 -6.09 10.90 -22.65
N GLY A 117 -5.20 10.73 -23.62
CA GLY A 117 -5.61 10.59 -25.00
C GLY A 117 -6.46 9.35 -25.27
N ALA A 118 -6.10 8.25 -24.63
CA ALA A 118 -6.80 6.98 -24.84
C ALA A 118 -8.26 7.04 -24.40
N THR A 119 -8.50 7.61 -23.22
CA THR A 119 -9.86 7.72 -22.70
C THR A 119 -10.67 8.72 -23.52
N ILE A 120 -10.02 9.80 -23.96
CA ILE A 120 -10.66 10.76 -24.84
C ILE A 120 -11.03 10.10 -26.16
N THR A 121 -10.13 9.26 -26.68
CA THR A 121 -10.38 8.53 -27.91
C THR A 121 -11.60 7.63 -27.78
N ALA A 122 -11.66 6.87 -26.70
CA ALA A 122 -12.77 5.97 -26.44
C ALA A 122 -14.09 6.73 -26.33
N ALA A 123 -14.04 7.89 -25.67
CA ALA A 123 -15.21 8.73 -25.53
C ALA A 123 -15.67 9.27 -26.89
N GLN A 124 -14.71 9.64 -27.73
CA GLN A 124 -15.02 10.15 -29.07
C GLN A 124 -15.63 9.04 -29.93
N CYS A 125 -15.20 7.81 -29.72
CA CYS A 125 -15.80 6.66 -30.40
C CYS A 125 -17.27 6.53 -30.05
N LEU A 126 -17.59 6.76 -28.78
CA LEU A 126 -18.97 6.75 -28.30
C LEU A 126 -19.79 7.84 -28.99
N ILE A 127 -19.22 9.03 -29.08
CA ILE A 127 -19.89 10.16 -29.72
C ILE A 127 -20.14 9.91 -31.20
N ASP A 128 -19.14 9.34 -31.88
CA ASP A 128 -19.24 9.08 -33.31
C ASP A 128 -20.19 7.94 -33.65
N GLY A 129 -20.69 7.26 -32.62
CA GLY A 129 -21.61 6.16 -32.82
C GLY A 129 -20.94 4.92 -33.36
N MET A 130 -19.63 4.84 -33.18
CA MET A 130 -18.85 3.70 -33.63
C MET A 130 -19.21 2.44 -32.85
N CYS A 131 -19.75 2.63 -31.65
CA CYS A 131 -20.03 1.53 -30.75
C CYS A 131 -20.97 1.95 -29.62
N LYS A 132 -21.39 0.98 -28.82
CA LYS A 132 -22.14 1.25 -27.60
C LYS A 132 -21.25 1.13 -26.37
N VAL A 133 -20.20 0.33 -26.51
CA VAL A 133 -19.24 0.12 -25.41
C VAL A 133 -17.81 0.36 -25.89
N ALA A 134 -17.09 1.22 -25.18
CA ALA A 134 -15.68 1.45 -25.47
C ALA A 134 -14.83 1.13 -24.26
N ILE A 135 -13.76 0.37 -24.47
CA ILE A 135 -12.96 -0.15 -23.37
C ILE A 135 -11.55 0.43 -23.32
N ASN A 136 -11.16 0.90 -22.14
CA ASN A 136 -9.78 1.33 -21.89
C ASN A 136 -9.33 0.87 -20.51
N TRP A 137 -8.84 -0.37 -20.44
CA TRP A 137 -8.48 -0.98 -19.16
C TRP A 137 -7.29 -0.29 -18.49
N SER A 138 -6.53 0.48 -19.25
CA SER A 138 -5.38 1.19 -18.71
C SER A 138 -5.74 2.58 -18.22
N GLY A 139 -7.03 2.90 -18.22
CA GLY A 139 -7.50 4.18 -17.72
C GLY A 139 -8.22 4.03 -16.39
N GLY A 140 -8.82 5.11 -15.92
CA GLY A 140 -9.61 5.08 -14.69
C GLY A 140 -8.85 5.59 -13.47
N TRP A 141 -7.95 6.54 -13.69
CA TRP A 141 -7.15 7.08 -12.61
C TRP A 141 -7.86 8.26 -11.96
N HIS A 142 -8.74 7.90 -11.02
CA HIS A 142 -9.76 8.79 -10.50
C HIS A 142 -9.36 9.65 -9.32
N HIS A 143 -8.13 9.50 -8.82
CA HIS A 143 -7.71 10.25 -7.64
C HIS A 143 -7.02 11.56 -7.98
N ALA A 144 -6.56 11.69 -9.22
CA ALA A 144 -5.76 12.84 -9.60
C ALA A 144 -6.55 14.14 -9.51
N LYS A 145 -5.94 15.15 -8.88
CA LYS A 145 -6.56 16.46 -8.74
CA LYS A 145 -6.59 16.45 -8.76
CA LYS A 145 -6.59 16.45 -8.76
C LYS A 145 -6.19 17.36 -9.92
N LYS A 146 -6.87 18.49 -10.03
CA LYS A 146 -6.63 19.44 -11.10
C LYS A 146 -5.20 19.98 -11.07
N ASP A 147 -4.59 19.98 -9.89
CA ASP A 147 -3.28 20.59 -9.72
C ASP A 147 -2.28 19.72 -8.95
N GLU A 148 -2.57 18.43 -8.80
CA GLU A 148 -1.64 17.51 -8.16
C GLU A 148 -1.98 16.04 -8.37
N ALA A 149 -0.94 15.22 -8.39
CA ALA A 149 -1.11 13.77 -8.50
C ALA A 149 -1.47 13.18 -7.15
N SER A 150 -2.12 12.02 -7.16
CA SER A 150 -2.60 11.39 -5.93
C SER A 150 -2.94 9.92 -6.16
N GLY A 151 -2.51 9.08 -5.22
CA GLY A 151 -2.83 7.66 -5.25
C GLY A 151 -2.55 6.95 -6.58
N PHE A 152 -1.30 7.06 -7.04
CA PHE A 152 -0.87 6.47 -8.31
C PHE A 152 -1.55 7.08 -9.53
N CYS A 153 -2.29 8.16 -9.32
CA CYS A 153 -2.95 8.85 -10.43
C CYS A 153 -2.27 10.18 -10.75
N TYR A 154 -1.72 10.29 -11.95
CA TYR A 154 -0.99 11.49 -12.35
C TYR A 154 -1.84 12.39 -13.23
N LEU A 155 -2.86 11.81 -13.84
CA LEU A 155 -3.82 12.56 -14.63
C LEU A 155 -5.17 11.87 -14.57
N ASN A 156 -6.22 12.65 -14.35
CA ASN A 156 -7.56 12.09 -14.24
C ASN A 156 -8.21 11.95 -15.61
N ASP A 157 -7.99 10.79 -16.23
CA ASP A 157 -8.54 10.53 -17.56
C ASP A 157 -10.06 10.33 -17.51
N ALA A 158 -10.54 9.87 -16.36
CA ALA A 158 -11.98 9.71 -16.17
C ALA A 158 -12.70 11.05 -16.34
N VAL A 159 -12.14 12.10 -15.75
CA VAL A 159 -12.69 13.45 -15.88
C VAL A 159 -12.62 13.92 -17.33
N LEU A 160 -11.48 13.69 -17.97
CA LEU A 160 -11.31 14.08 -19.37
C LEU A 160 -12.29 13.35 -20.27
N GLY A 161 -12.55 12.08 -19.94
CA GLY A 161 -13.48 11.28 -20.71
C GLY A 161 -14.91 11.77 -20.57
N ILE A 162 -15.29 12.10 -19.34
CA ILE A 162 -16.63 12.62 -19.06
C ILE A 162 -16.84 13.97 -19.75
N LEU A 163 -15.87 14.87 -19.61
CA LEU A 163 -15.94 16.18 -20.24
C LEU A 163 -16.14 16.07 -21.76
N ARG A 164 -15.47 15.10 -22.36
CA ARG A 164 -15.59 14.87 -23.80
C ARG A 164 -17.00 14.41 -24.16
N LEU A 165 -17.55 13.51 -23.34
CA LEU A 165 -18.88 12.97 -23.60
C LEU A 165 -19.98 14.02 -23.41
N ARG A 166 -19.72 15.03 -22.56
CA ARG A 166 -20.68 16.09 -22.31
C ARG A 166 -20.96 16.93 -23.54
N ARG A 167 -20.12 16.81 -24.55
CA ARG A 167 -20.32 17.51 -25.81
C ARG A 167 -21.52 16.94 -26.58
N LYS A 168 -21.83 15.68 -26.32
CA LYS A 168 -22.87 14.97 -27.07
C LYS A 168 -24.06 14.58 -26.19
N PHE A 169 -23.78 14.09 -24.99
CA PHE A 169 -24.83 13.59 -24.11
C PHE A 169 -25.14 14.57 -22.98
N GLU A 170 -26.43 14.76 -22.71
CA GLU A 170 -26.88 15.79 -21.77
C GLU A 170 -26.68 15.42 -20.30
N ARG A 171 -26.78 14.13 -19.99
CA ARG A 171 -26.57 13.67 -18.61
C ARG A 171 -25.65 12.44 -18.58
N ILE A 172 -24.60 12.53 -17.77
CA ILE A 172 -23.64 11.44 -17.67
CA ILE A 172 -23.62 11.47 -17.67
C ILE A 172 -23.59 10.86 -16.27
N LEU A 173 -23.66 9.53 -16.20
CA LEU A 173 -23.56 8.82 -14.94
C LEU A 173 -22.17 8.21 -14.80
N TYR A 174 -21.44 8.62 -13.76
CA TYR A 174 -20.15 8.02 -13.46
C TYR A 174 -20.30 7.03 -12.31
N VAL A 175 -19.98 5.77 -12.58
CA VAL A 175 -20.04 4.73 -11.56
C VAL A 175 -18.64 4.23 -11.24
N ASP A 176 -18.27 4.32 -9.97
CA ASP A 176 -16.91 3.99 -9.53
C ASP A 176 -16.93 2.79 -8.58
N LEU A 177 -16.53 1.63 -9.09
CA LEU A 177 -16.56 0.41 -8.29
C LEU A 177 -15.18 0.04 -7.74
N ASP A 178 -14.23 0.97 -7.86
CA ASP A 178 -12.92 0.82 -7.26
C ASP A 178 -13.05 0.69 -5.75
N LEU A 179 -12.05 0.09 -5.10
CA LEU A 179 -12.06 -0.05 -3.65
C LEU A 179 -12.07 1.30 -2.94
N HIS A 180 -11.44 2.30 -3.57
CA HIS A 180 -11.30 3.61 -2.97
C HIS A 180 -12.32 4.60 -3.53
N HIS A 181 -12.62 5.63 -2.73
CA HIS A 181 -13.52 6.69 -3.16
C HIS A 181 -12.92 7.49 -4.32
N GLY A 182 -13.66 7.59 -5.42
CA GLY A 182 -13.20 8.35 -6.56
C GLY A 182 -13.34 9.84 -6.33
N ASP A 183 -12.52 10.37 -5.43
CA ASP A 183 -12.64 11.75 -4.97
C ASP A 183 -12.29 12.78 -6.04
N GLY A 184 -11.35 12.42 -6.93
CA GLY A 184 -10.93 13.31 -7.98
C GLY A 184 -12.05 13.59 -8.97
N VAL A 185 -12.80 12.55 -9.30
CA VAL A 185 -13.90 12.69 -10.25
C VAL A 185 -15.08 13.41 -9.62
N GLU A 186 -15.42 13.04 -8.39
CA GLU A 186 -16.54 13.64 -7.69
C GLU A 186 -16.36 15.14 -7.49
N ASP A 187 -15.15 15.54 -7.10
CA ASP A 187 -14.85 16.95 -6.86
C ASP A 187 -14.87 17.76 -8.16
N ALA A 188 -14.55 17.11 -9.26
CA ALA A 188 -14.52 17.77 -10.56
C ALA A 188 -15.93 18.19 -11.00
N PHE A 189 -16.92 17.42 -10.58
CA PHE A 189 -18.29 17.68 -11.01
C PHE A 189 -19.21 17.97 -9.83
N SER A 190 -18.62 18.33 -8.70
CA SER A 190 -19.36 18.54 -7.46
C SER A 190 -20.43 19.63 -7.57
N PHE A 191 -20.23 20.59 -8.48
CA PHE A 191 -21.12 21.74 -8.56
C PHE A 191 -22.07 21.69 -9.76
N THR A 192 -22.10 20.55 -10.46
CA THR A 192 -22.97 20.41 -11.62
CA THR A 192 -22.93 20.38 -11.64
C THR A 192 -23.99 19.30 -11.42
N SER A 193 -25.12 19.44 -12.10
CA SER A 193 -26.20 18.46 -12.03
C SER A 193 -26.34 17.72 -13.35
N LYS A 194 -25.41 17.96 -14.27
CA LYS A 194 -25.43 17.31 -15.57
C LYS A 194 -24.58 16.04 -15.54
N VAL A 195 -23.79 15.89 -14.49
CA VAL A 195 -22.98 14.70 -14.28
C VAL A 195 -23.21 14.17 -12.87
N MET A 196 -23.71 12.95 -12.76
CA MET A 196 -23.88 12.33 -11.45
C MET A 196 -22.81 11.27 -11.19
N THR A 197 -22.15 11.39 -10.05
CA THR A 197 -21.12 10.42 -9.66
C THR A 197 -21.65 9.48 -8.60
N VAL A 198 -21.48 8.18 -8.84
CA VAL A 198 -21.84 7.16 -7.85
C VAL A 198 -20.60 6.34 -7.50
N SER A 199 -20.26 6.30 -6.22
CA SER A 199 -19.06 5.60 -5.78
C SER A 199 -19.34 4.61 -4.66
N LEU A 200 -18.97 3.35 -4.89
CA LEU A 200 -18.98 2.34 -3.83
C LEU A 200 -17.55 2.09 -3.39
N HIS A 201 -17.29 2.22 -2.09
CA HIS A 201 -15.91 2.18 -1.60
C HIS A 201 -15.84 1.87 -0.12
N LYS A 202 -14.66 1.44 0.33
CA LYS A 202 -14.41 1.30 1.76
C LYS A 202 -14.31 2.68 2.38
N PHE A 203 -15.03 2.87 3.48
CA PHE A 203 -14.98 4.14 4.20
C PHE A 203 -14.70 3.87 5.68
N SER A 204 -13.56 4.37 6.13
CA SER A 204 -13.13 4.19 7.52
C SER A 204 -12.09 5.23 7.86
N PRO A 205 -12.16 5.77 9.09
CA PRO A 205 -11.21 6.79 9.56
C PRO A 205 -9.76 6.34 9.39
N GLY A 206 -9.04 7.00 8.48
CA GLY A 206 -7.65 6.68 8.24
C GLY A 206 -7.43 6.01 6.89
N PHE A 207 -8.52 5.59 6.26
CA PHE A 207 -8.43 4.87 4.99
C PHE A 207 -8.50 5.84 3.80
N PHE A 208 -7.53 5.73 2.90
CA PHE A 208 -7.42 6.58 1.72
C PHE A 208 -8.68 6.52 0.85
N PRO A 209 -9.14 7.69 0.35
CA PRO A 209 -8.57 9.02 0.60
C PRO A 209 -9.25 9.78 1.74
N GLY A 210 -10.10 9.11 2.51
CA GLY A 210 -10.72 9.73 3.67
C GLY A 210 -12.10 10.31 3.42
N THR A 211 -12.40 10.64 2.17
CA THR A 211 -13.68 11.23 1.82
C THR A 211 -14.69 10.21 1.32
N GLY A 212 -15.91 10.66 1.04
CA GLY A 212 -16.91 9.80 0.46
C GLY A 212 -17.90 9.20 1.44
N ASP A 213 -18.24 9.95 2.49
CA ASP A 213 -19.26 9.51 3.42
C ASP A 213 -20.62 9.60 2.72
N VAL A 214 -21.60 8.87 3.23
CA VAL A 214 -22.93 8.83 2.63
C VAL A 214 -23.60 10.21 2.66
N SER A 215 -23.16 11.07 3.58
CA SER A 215 -23.72 12.41 3.72
C SER A 215 -23.11 13.39 2.73
N ASP A 216 -22.04 12.99 2.04
CA ASP A 216 -21.45 13.81 1.00
C ASP A 216 -22.27 13.67 -0.28
N VAL A 217 -23.00 14.73 -0.63
CA VAL A 217 -23.96 14.67 -1.72
C VAL A 217 -23.73 15.71 -2.81
N GLY A 218 -22.61 16.43 -2.74
CA GLY A 218 -22.32 17.45 -3.73
C GLY A 218 -22.61 18.85 -3.23
N LEU A 219 -22.36 19.85 -4.06
CA LEU A 219 -22.50 21.25 -3.65
C LEU A 219 -23.21 22.12 -4.69
N GLY A 220 -23.88 23.16 -4.22
CA GLY A 220 -24.55 24.11 -5.09
C GLY A 220 -25.61 23.49 -5.96
N LYS A 221 -25.51 23.74 -7.26
CA LYS A 221 -26.44 23.15 -8.23
C LYS A 221 -26.25 21.63 -8.32
N GLY A 222 -25.11 21.16 -7.86
CA GLY A 222 -24.80 19.74 -7.90
C GLY A 222 -25.17 19.01 -6.61
N ARG A 223 -25.93 19.67 -5.75
CA ARG A 223 -26.36 19.06 -4.51
C ARG A 223 -27.29 17.88 -4.79
N TYR A 224 -27.00 16.75 -4.15
CA TYR A 224 -27.70 15.46 -4.32
C TYR A 224 -27.34 14.76 -5.63
N TYR A 225 -26.43 15.34 -6.39
CA TYR A 225 -25.98 14.72 -7.64
C TYR A 225 -24.63 14.03 -7.45
N SER A 226 -24.28 13.77 -6.19
CA SER A 226 -23.15 12.92 -5.85
C SER A 226 -23.62 11.84 -4.89
N VAL A 227 -23.37 10.58 -5.24
CA VAL A 227 -23.81 9.47 -4.41
C VAL A 227 -22.64 8.64 -3.90
N ASN A 228 -22.55 8.52 -2.58
CA ASN A 228 -21.47 7.75 -1.96
C ASN A 228 -22.01 6.61 -1.10
N VAL A 229 -21.45 5.42 -1.30
CA VAL A 229 -21.89 4.23 -0.57
C VAL A 229 -20.75 3.65 0.26
N PRO A 230 -20.64 4.09 1.52
CA PRO A 230 -19.61 3.61 2.45
C PRO A 230 -19.80 2.13 2.81
N ILE A 231 -18.77 1.32 2.55
CA ILE A 231 -18.84 -0.12 2.79
C ILE A 231 -17.68 -0.55 3.70
N GLN A 232 -17.86 -1.62 4.46
CA GLN A 232 -16.81 -2.10 5.37
C GLN A 232 -16.09 -3.31 4.82
N ASP A 233 -14.99 -3.69 5.47
CA ASP A 233 -14.15 -4.80 5.05
C ASP A 233 -14.89 -6.11 4.88
N GLY A 234 -14.40 -6.94 3.96
CA GLY A 234 -14.83 -8.33 3.86
C GLY A 234 -16.10 -8.62 3.09
N ILE A 235 -16.61 -7.64 2.35
CA ILE A 235 -17.85 -7.84 1.60
C ILE A 235 -17.61 -8.83 0.47
N GLN A 236 -18.63 -9.64 0.17
CA GLN A 236 -18.53 -10.63 -0.91
C GLN A 236 -19.56 -10.36 -2.00
N ASP A 237 -19.53 -11.18 -3.05
CA ASP A 237 -20.28 -10.94 -4.27
C ASP A 237 -21.77 -10.65 -4.08
N GLU A 238 -22.47 -11.54 -3.36
CA GLU A 238 -23.91 -11.43 -3.22
C GLU A 238 -24.35 -10.13 -2.56
N LYS A 239 -23.78 -9.82 -1.40
CA LYS A 239 -24.09 -8.57 -0.70
C LYS A 239 -23.76 -7.35 -1.52
N TYR A 240 -22.59 -7.37 -2.16
CA TYR A 240 -22.14 -6.23 -2.96
C TYR A 240 -23.10 -5.93 -4.09
N TYR A 241 -23.52 -6.97 -4.81
CA TYR A 241 -24.43 -6.79 -5.94
C TYR A 241 -25.81 -6.29 -5.50
N GLN A 242 -26.27 -6.76 -4.35
CA GLN A 242 -27.54 -6.31 -3.80
C GLN A 242 -27.49 -4.82 -3.50
N ILE A 243 -26.40 -4.39 -2.89
CA ILE A 243 -26.18 -2.97 -2.60
C ILE A 243 -26.08 -2.16 -3.89
N CYS A 244 -25.27 -2.66 -4.83
CA CYS A 244 -25.03 -1.96 -6.08
C CYS A 244 -26.27 -1.84 -6.95
N GLU A 245 -27.01 -2.94 -7.09
CA GLU A 245 -28.24 -2.92 -7.89
C GLU A 245 -29.27 -1.99 -7.26
N SER A 246 -29.38 -2.04 -5.94
CA SER A 246 -30.32 -1.19 -5.22
C SER A 246 -30.06 0.29 -5.48
N VAL A 247 -28.79 0.69 -5.46
CA VAL A 247 -28.42 2.07 -5.69
C VAL A 247 -28.61 2.48 -7.15
N LEU A 248 -28.09 1.65 -8.06
CA LEU A 248 -28.18 1.96 -9.49
C LEU A 248 -29.63 2.00 -9.97
N LYS A 249 -30.48 1.15 -9.40
CA LYS A 249 -31.89 1.14 -9.72
C LYS A 249 -32.53 2.49 -9.39
N GLU A 250 -32.20 3.02 -8.22
CA GLU A 250 -32.71 4.32 -7.80
C GLU A 250 -32.08 5.46 -8.59
N VAL A 251 -30.77 5.35 -8.83
CA VAL A 251 -30.05 6.38 -9.56
C VAL A 251 -30.55 6.50 -11.00
N TYR A 252 -30.72 5.36 -11.66
CA TYR A 252 -31.18 5.34 -13.05
C TYR A 252 -32.56 5.95 -13.22
N GLN A 253 -33.48 5.62 -12.32
CA GLN A 253 -34.85 6.09 -12.41
C GLN A 253 -34.95 7.61 -12.18
N ALA A 254 -34.14 8.11 -11.25
CA ALA A 254 -34.20 9.51 -10.87
C ALA A 254 -33.40 10.42 -11.80
N PHE A 255 -32.23 9.96 -12.23
CA PHE A 255 -31.31 10.80 -12.99
C PHE A 255 -31.46 10.60 -14.50
N ASN A 256 -31.87 9.40 -14.90
CA ASN A 256 -32.08 9.06 -16.31
C ASN A 256 -30.87 9.40 -17.20
N PRO A 257 -29.74 8.71 -16.99
CA PRO A 257 -28.50 9.01 -17.71
C PRO A 257 -28.61 8.70 -19.20
N LYS A 258 -27.84 9.43 -20.01
CA LYS A 258 -27.79 9.20 -21.45
C LYS A 258 -26.50 8.49 -21.84
N ALA A 259 -25.52 8.54 -20.95
CA ALA A 259 -24.25 7.86 -21.16
C ALA A 259 -23.64 7.47 -19.82
N VAL A 260 -22.84 6.41 -19.81
CA VAL A 260 -22.26 5.91 -18.58
C VAL A 260 -20.75 5.74 -18.69
N VAL A 261 -20.03 6.22 -17.69
CA VAL A 261 -18.60 5.95 -17.58
C VAL A 261 -18.37 5.09 -16.34
N LEU A 262 -17.90 3.87 -16.56
CA LEU A 262 -17.81 2.89 -15.48
C LEU A 262 -16.35 2.58 -15.13
N GLN A 263 -15.99 2.87 -13.89
CA GLN A 263 -14.64 2.59 -13.41
C GLN A 263 -14.66 1.25 -12.65
N LEU A 264 -13.80 0.33 -13.07
CA LEU A 264 -13.82 -1.03 -12.52
C LEU A 264 -12.50 -1.43 -11.87
N GLY A 265 -12.05 -0.65 -10.90
CA GLY A 265 -10.83 -0.98 -10.16
C GLY A 265 -10.91 -2.35 -9.53
N ALA A 266 -9.89 -3.17 -9.77
CA ALA A 266 -9.90 -4.56 -9.36
C ALA A 266 -9.25 -4.79 -8.00
N ASP A 267 -9.11 -3.73 -7.21
CA ASP A 267 -8.51 -3.87 -5.89
C ASP A 267 -9.57 -4.20 -4.83
N THR A 268 -10.75 -4.57 -5.30
CA THR A 268 -11.79 -5.12 -4.44
C THR A 268 -11.70 -6.64 -4.40
N ILE A 269 -10.96 -7.20 -5.35
CA ILE A 269 -10.90 -8.64 -5.54
C ILE A 269 -10.06 -9.33 -4.48
N ALA A 270 -10.55 -10.49 -4.01
CA ALA A 270 -9.83 -11.32 -3.05
C ALA A 270 -8.39 -11.59 -3.50
N GLY A 271 -7.45 -11.44 -2.59
CA GLY A 271 -6.05 -11.67 -2.90
C GLY A 271 -5.28 -10.40 -3.14
N ASP A 272 -5.99 -9.28 -3.25
CA ASP A 272 -5.33 -7.99 -3.46
C ASP A 272 -4.61 -7.56 -2.18
N PRO A 273 -3.40 -6.99 -2.32
CA PRO A 273 -2.61 -6.51 -1.19
C PRO A 273 -3.38 -5.56 -0.27
N MET A 274 -4.34 -4.83 -0.82
CA MET A 274 -5.19 -3.94 -0.03
C MET A 274 -5.93 -4.73 1.04
N CYS A 275 -6.32 -5.95 0.71
CA CYS A 275 -6.91 -6.90 1.65
C CYS A 275 -8.11 -6.31 2.40
N SER A 276 -9.01 -5.66 1.66
CA SER A 276 -10.19 -5.07 2.27
C SER A 276 -11.45 -5.83 1.90
N PHE A 277 -11.93 -5.62 0.69
CA PHE A 277 -13.10 -6.35 0.21
C PHE A 277 -12.71 -7.78 -0.12
N ASN A 278 -13.71 -8.64 -0.30
CA ASN A 278 -13.46 -10.05 -0.58
C ASN A 278 -14.25 -10.51 -1.80
N MET A 279 -14.09 -9.77 -2.90
CA MET A 279 -14.87 -9.98 -4.11
C MET A 279 -14.23 -10.93 -5.11
N THR A 280 -15.04 -11.44 -6.02
CA THR A 280 -14.55 -12.19 -7.18
C THR A 280 -15.02 -11.45 -8.43
N PRO A 281 -14.35 -11.69 -9.56
CA PRO A 281 -14.77 -11.05 -10.83
C PRO A 281 -16.22 -11.34 -11.21
N VAL A 282 -16.77 -12.45 -10.75
CA VAL A 282 -18.15 -12.81 -11.05
C VAL A 282 -19.13 -11.81 -10.43
N GLY A 283 -18.83 -11.35 -9.21
CA GLY A 283 -19.67 -10.39 -8.52
C GLY A 283 -19.65 -9.02 -9.20
N ILE A 284 -18.47 -8.56 -9.56
CA ILE A 284 -18.32 -7.32 -10.31
C ILE A 284 -19.04 -7.44 -11.66
N GLY A 285 -18.95 -8.63 -12.25
CA GLY A 285 -19.55 -8.89 -13.54
C GLY A 285 -21.06 -8.73 -13.55
N LYS A 286 -21.70 -9.02 -12.42
CA LYS A 286 -23.14 -8.87 -12.31
C LYS A 286 -23.52 -7.38 -12.32
N CYS A 287 -22.75 -6.57 -11.61
CA CYS A 287 -22.93 -5.12 -11.61
C CYS A 287 -22.79 -4.58 -13.03
N LEU A 288 -21.75 -5.04 -13.72
CA LEU A 288 -21.51 -4.65 -15.10
C LEU A 288 -22.68 -5.07 -16.00
N LYS A 289 -23.13 -6.30 -15.83
CA LYS A 289 -24.25 -6.83 -16.61
C LYS A 289 -25.50 -5.98 -16.45
N TYR A 290 -25.75 -5.53 -15.22
CA TYR A 290 -26.91 -4.69 -14.93
C TYR A 290 -26.79 -3.32 -15.60
N ILE A 291 -25.58 -2.79 -15.67
CA ILE A 291 -25.35 -1.49 -16.30
C ILE A 291 -25.47 -1.60 -17.82
N LEU A 292 -24.90 -2.67 -18.38
CA LEU A 292 -24.98 -2.92 -19.82
C LEU A 292 -26.42 -3.13 -20.28
N GLN A 293 -27.25 -3.63 -19.38
CA GLN A 293 -28.66 -3.88 -19.64
C GLN A 293 -29.38 -2.59 -20.05
N TRP A 294 -28.90 -1.46 -19.54
CA TRP A 294 -29.45 -0.16 -19.90
C TRP A 294 -29.25 0.16 -21.38
N GLN A 295 -28.25 -0.49 -21.98
CA GLN A 295 -27.92 -0.31 -23.39
C GLN A 295 -27.65 1.17 -23.73
N LEU A 296 -26.93 1.85 -22.84
CA LEU A 296 -26.51 3.21 -23.08
C LEU A 296 -25.08 3.24 -23.56
N ALA A 297 -24.64 4.38 -24.10
CA ALA A 297 -23.24 4.57 -24.46
C ALA A 297 -22.40 4.42 -23.20
N THR A 298 -21.52 3.42 -23.19
CA THR A 298 -20.80 3.07 -21.97
C THR A 298 -19.28 3.07 -22.14
N LEU A 299 -18.61 3.86 -21.32
CA LEU A 299 -17.15 3.95 -21.34
C LEU A 299 -16.55 3.15 -20.19
N ILE A 300 -15.89 2.05 -20.51
CA ILE A 300 -15.33 1.15 -19.50
C ILE A 300 -13.89 1.50 -19.16
N LEU A 301 -13.61 1.67 -17.87
CA LEU A 301 -12.28 2.03 -17.42
C LEU A 301 -11.75 1.06 -16.37
N GLY A 302 -10.43 0.99 -16.25
CA GLY A 302 -9.80 0.16 -15.23
C GLY A 302 -9.62 0.92 -13.94
N GLY A 303 -8.40 0.97 -13.44
CA GLY A 303 -8.10 1.70 -12.21
C GLY A 303 -7.16 0.92 -11.31
N GLY A 304 -7.52 0.83 -10.03
CA GLY A 304 -6.75 0.08 -9.07
C GLY A 304 -6.70 -1.40 -9.40
N GLY A 305 -5.81 -2.12 -8.71
CA GLY A 305 -5.63 -3.54 -8.96
C GLY A 305 -4.16 -3.86 -8.82
N TYR A 306 -3.78 -4.43 -7.68
CA TYR A 306 -2.38 -4.55 -7.33
C TYR A 306 -1.95 -6.00 -7.13
N ASN A 307 -2.90 -6.91 -7.26
CA ASN A 307 -2.59 -8.31 -7.52
C ASN A 307 -2.60 -8.46 -9.03
N LEU A 308 -1.41 -8.50 -9.63
CA LEU A 308 -1.25 -8.46 -11.08
C LEU A 308 -2.08 -9.51 -11.81
N ALA A 309 -1.84 -10.77 -11.51
CA ALA A 309 -2.51 -11.87 -12.19
C ALA A 309 -4.03 -11.83 -11.96
N ASN A 310 -4.44 -11.51 -10.75
CA ASN A 310 -5.87 -11.43 -10.43
C ASN A 310 -6.56 -10.27 -11.14
N THR A 311 -5.82 -9.18 -11.36
CA THR A 311 -6.36 -8.04 -12.07
C THR A 311 -6.52 -8.37 -13.55
N ALA A 312 -5.54 -9.10 -14.10
CA ALA A 312 -5.66 -9.60 -15.46
C ALA A 312 -6.81 -10.59 -15.55
N ARG A 313 -6.93 -11.45 -14.55
CA ARG A 313 -8.04 -12.40 -14.46
C ARG A 313 -9.39 -11.69 -14.47
N CYS A 314 -9.52 -10.66 -13.64
CA CYS A 314 -10.78 -9.95 -13.49
C CYS A 314 -11.19 -9.23 -14.78
N TRP A 315 -10.29 -8.41 -15.31
CA TRP A 315 -10.61 -7.60 -16.48
C TRP A 315 -10.76 -8.43 -17.75
N THR A 316 -10.12 -9.60 -17.78
CA THR A 316 -10.31 -10.52 -18.90
C THR A 316 -11.71 -11.14 -18.80
N TYR A 317 -12.08 -11.55 -17.60
CA TYR A 317 -13.42 -12.10 -17.36
C TYR A 317 -14.50 -11.09 -17.70
N LEU A 318 -14.31 -9.84 -17.25
CA LEU A 318 -15.26 -8.78 -17.51
C LEU A 318 -15.38 -8.47 -19.00
N THR A 319 -14.27 -8.62 -19.71
CA THR A 319 -14.25 -8.44 -21.16
C THR A 319 -15.11 -9.53 -21.79
N GLY A 320 -15.06 -10.73 -21.22
CA GLY A 320 -15.91 -11.82 -21.65
C GLY A 320 -17.37 -11.52 -21.39
N VAL A 321 -17.65 -10.88 -20.26
CA VAL A 321 -19.01 -10.50 -19.89
C VAL A 321 -19.58 -9.50 -20.91
N ILE A 322 -18.77 -8.51 -21.27
CA ILE A 322 -19.17 -7.51 -22.25
C ILE A 322 -19.47 -8.17 -23.60
N LEU A 323 -18.65 -9.15 -23.97
CA LEU A 323 -18.82 -9.87 -25.22
C LEU A 323 -19.88 -10.97 -25.10
N GLY A 324 -20.33 -11.22 -23.87
CA GLY A 324 -21.32 -12.26 -23.62
C GLY A 324 -20.78 -13.65 -23.86
N LYS A 325 -19.53 -13.86 -23.50
CA LYS A 325 -18.87 -15.14 -23.71
C LYS A 325 -18.39 -15.76 -22.40
N THR A 326 -18.53 -17.07 -22.28
CA THR A 326 -18.01 -17.79 -21.12
C THR A 326 -16.64 -18.37 -21.46
N LEU A 327 -15.60 -17.91 -20.78
CA LEU A 327 -14.24 -18.36 -21.06
C LEU A 327 -13.94 -19.70 -20.40
N SER A 328 -12.99 -20.43 -20.98
CA SER A 328 -12.54 -21.69 -20.39
C SER A 328 -11.83 -21.41 -19.08
N SER A 329 -11.99 -22.32 -18.12
CA SER A 329 -11.45 -22.13 -16.77
C SER A 329 -9.93 -22.18 -16.74
N GLU A 330 -9.32 -22.93 -17.65
CA GLU A 330 -7.88 -23.08 -17.68
C GLU A 330 -7.20 -21.86 -18.30
N ILE A 331 -6.23 -21.29 -17.59
CA ILE A 331 -5.43 -20.20 -18.14
C ILE A 331 -4.59 -20.72 -19.29
N PRO A 332 -4.82 -20.18 -20.50
CA PRO A 332 -4.07 -20.63 -21.67
C PRO A 332 -2.60 -20.24 -21.60
N ASP A 333 -1.74 -21.04 -22.22
CA ASP A 333 -0.32 -20.75 -22.24
C ASP A 333 -0.04 -19.43 -22.96
N HIS A 334 0.74 -18.56 -22.32
CA HIS A 334 1.14 -17.31 -22.92
C HIS A 334 2.37 -16.75 -22.22
N GLU A 335 2.68 -15.49 -22.51
CA GLU A 335 3.88 -14.83 -22.01
C GLU A 335 4.01 -14.86 -20.49
N PHE A 336 2.89 -14.67 -19.79
CA PHE A 336 2.92 -14.55 -18.33
C PHE A 336 2.27 -15.74 -17.62
N PHE A 337 2.20 -16.87 -18.31
CA PHE A 337 1.53 -18.06 -17.79
C PHE A 337 2.03 -18.49 -16.41
N THR A 338 3.33 -18.36 -16.16
CA THR A 338 3.92 -18.79 -14.91
C THR A 338 3.39 -18.02 -13.69
N ALA A 339 2.89 -16.81 -13.94
CA ALA A 339 2.43 -15.93 -12.86
C ALA A 339 1.07 -16.35 -12.29
N TYR A 340 0.40 -17.28 -12.96
CA TYR A 340 -0.96 -17.64 -12.57
C TYR A 340 -1.02 -18.89 -11.70
N GLY A 341 0.13 -19.33 -11.21
CA GLY A 341 0.18 -20.44 -10.29
C GLY A 341 -0.36 -20.08 -8.92
N PRO A 342 -0.58 -21.07 -8.06
CA PRO A 342 -0.31 -22.49 -8.32
C PRO A 342 -1.51 -23.24 -8.90
N ASP A 343 -2.59 -22.52 -9.19
CA ASP A 343 -3.83 -23.11 -9.67
CA ASP A 343 -3.81 -23.15 -9.67
C ASP A 343 -3.97 -23.03 -11.18
N TYR A 344 -3.46 -21.93 -11.75
CA TYR A 344 -3.50 -21.69 -13.19
C TYR A 344 -4.92 -21.73 -13.77
N VAL A 345 -5.89 -21.28 -12.99
CA VAL A 345 -7.26 -21.16 -13.50
C VAL A 345 -7.72 -19.71 -13.49
N LEU A 346 -8.83 -19.44 -14.16
CA LEU A 346 -9.35 -18.09 -14.29
C LEU A 346 -10.16 -17.67 -13.06
N GLU A 347 -10.88 -18.62 -12.49
CA GLU A 347 -11.74 -18.35 -11.34
C GLU A 347 -10.93 -17.98 -10.10
N ILE A 348 -11.44 -17.01 -9.34
CA ILE A 348 -10.78 -16.58 -8.12
C ILE A 348 -11.62 -16.96 -6.90
N THR A 349 -10.97 -17.62 -5.94
CA THR A 349 -11.64 -18.07 -4.72
C THR A 349 -11.54 -17.01 -3.62
N PRO A 350 -12.70 -16.60 -3.08
CA PRO A 350 -12.72 -15.63 -1.98
C PRO A 350 -11.94 -16.13 -0.77
N SER A 351 -11.35 -15.21 -0.01
CA SER A 351 -10.56 -15.58 1.15
C SER A 351 -11.45 -15.96 2.33
N CYS A 352 -10.89 -16.71 3.26
CA CYS A 352 -11.60 -17.05 4.50
CA CYS A 352 -11.62 -17.05 4.49
C CYS A 352 -11.49 -15.91 5.49
N ARG A 353 -12.27 -14.84 5.24
CA ARG A 353 -12.20 -13.63 6.04
C ARG A 353 -13.61 -13.12 6.31
N PRO A 354 -13.87 -12.69 7.56
CA PRO A 354 -15.22 -12.30 7.97
C PRO A 354 -15.77 -11.05 7.27
N ASP A 355 -17.09 -11.00 7.12
CA ASP A 355 -17.78 -9.83 6.57
C ASP A 355 -18.10 -8.86 7.70
N ARG A 356 -17.59 -7.64 7.60
CA ARG A 356 -17.77 -6.65 8.66
C ARG A 356 -18.98 -5.76 8.44
N ASN A 357 -19.74 -6.03 7.38
CA ASN A 357 -20.91 -5.21 7.06
C ASN A 357 -22.17 -5.68 7.75
N GLU A 358 -22.65 -4.86 8.70
CA GLU A 358 -23.89 -5.15 9.41
C GLU A 358 -25.09 -4.80 8.55
N PRO A 359 -26.06 -5.73 8.45
CA PRO A 359 -27.26 -5.59 7.61
C PRO A 359 -28.05 -4.32 7.90
N HIS A 360 -28.20 -3.97 9.17
CA HIS A 360 -28.97 -2.79 9.55
CA HIS A 360 -28.96 -2.78 9.56
C HIS A 360 -28.29 -1.49 9.08
N ARG A 361 -26.96 -1.44 9.20
CA ARG A 361 -26.21 -0.29 8.74
C ARG A 361 -26.36 -0.11 7.24
N ILE A 362 -26.30 -1.22 6.51
CA ILE A 362 -26.44 -1.23 5.07
C ILE A 362 -27.80 -0.67 4.64
N GLN A 363 -28.86 -1.13 5.30
CA GLN A 363 -30.21 -0.68 4.99
C GLN A 363 -30.38 0.81 5.30
N GLN A 364 -29.75 1.27 6.37
CA GLN A 364 -29.74 2.69 6.72
C GLN A 364 -29.18 3.53 5.57
N ILE A 365 -28.03 3.11 5.07
CA ILE A 365 -27.33 3.82 4.01
C ILE A 365 -28.18 3.88 2.73
N LEU A 366 -28.76 2.75 2.36
CA LEU A 366 -29.63 2.68 1.19
C LEU A 366 -30.83 3.61 1.34
N ASN A 367 -31.43 3.62 2.52
CA ASN A 367 -32.56 4.50 2.79
C ASN A 367 -32.15 5.97 2.76
N TYR A 368 -30.95 6.25 3.26
CA TYR A 368 -30.41 7.60 3.25
C TYR A 368 -30.23 8.10 1.82
N ILE A 369 -29.67 7.25 0.97
CA ILE A 369 -29.45 7.58 -0.43
C ILE A 369 -30.77 7.71 -1.17
N LYS A 370 -31.70 6.81 -0.86
CA LYS A 370 -33.04 6.83 -1.45
C LYS A 370 -33.75 8.16 -1.17
N GLY A 371 -33.54 8.68 0.04
CA GLY A 371 -34.08 9.98 0.41
C GLY A 371 -33.45 11.11 -0.37
N ASN A 372 -32.13 11.02 -0.57
CA ASN A 372 -31.39 12.04 -1.32
C ASN A 372 -31.84 12.12 -2.77
N LEU A 373 -32.07 10.96 -3.39
CA LEU A 373 -32.40 10.91 -4.80
C LEU A 373 -33.82 11.38 -5.11
N LYS A 374 -34.63 11.56 -4.07
CA LYS A 374 -35.96 12.10 -4.25
C LYS A 374 -35.88 13.57 -4.66
N HIS A 375 -34.82 14.25 -4.22
CA HIS A 375 -34.60 15.64 -4.57
C HIS A 375 -34.20 15.77 -6.04
N VAL A 376 -33.63 14.71 -6.59
CA VAL A 376 -33.19 14.72 -7.98
C VAL A 376 -34.37 14.54 -8.93
N VAL A 377 -34.69 15.59 -9.67
CA VAL A 377 -35.79 15.56 -10.64
C VAL A 377 -35.42 16.34 -11.90
N ILE A 378 -35.45 15.67 -13.05
CA ILE A 378 -35.13 16.29 -14.32
C ILE A 378 -36.39 16.56 -15.13
N SER B 13 29.82 5.47 28.71
CA SER B 13 29.64 4.02 28.74
C SER B 13 28.20 3.65 29.07
N LEU B 14 27.51 4.56 29.76
CA LEU B 14 26.11 4.34 30.12
C LEU B 14 25.22 5.12 29.16
N VAL B 15 25.83 5.70 28.14
CA VAL B 15 25.13 6.51 27.15
C VAL B 15 24.89 5.73 25.86
N PRO B 16 23.63 5.69 25.39
CA PRO B 16 23.26 4.92 24.20
C PRO B 16 23.94 5.42 22.92
N VAL B 17 24.22 4.49 22.02
CA VAL B 17 24.86 4.82 20.76
C VAL B 17 23.82 5.22 19.72
N TYR B 18 24.07 6.34 19.04
CA TYR B 18 23.19 6.84 18.00
C TYR B 18 23.92 6.82 16.66
N ILE B 19 23.61 5.83 15.83
CA ILE B 19 24.23 5.69 14.52
C ILE B 19 23.77 6.80 13.57
N TYR B 20 24.69 7.69 13.22
CA TYR B 20 24.35 8.81 12.35
C TYR B 20 25.55 9.41 11.63
N SER B 21 25.29 9.89 10.41
CA SER B 21 26.19 10.78 9.70
C SER B 21 25.34 11.48 8.64
N PRO B 22 25.75 12.68 8.23
CA PRO B 22 25.06 13.40 7.15
C PRO B 22 24.93 12.57 5.87
N GLU B 23 26.00 11.88 5.50
CA GLU B 23 26.01 11.06 4.29
C GLU B 23 25.07 9.87 4.43
N TYR B 24 24.97 9.31 5.64
CA TYR B 24 24.11 8.16 5.88
C TYR B 24 22.64 8.54 5.74
N VAL B 25 22.25 9.62 6.41
CA VAL B 25 20.88 10.12 6.33
C VAL B 25 20.51 10.46 4.90
N SER B 26 21.41 11.14 4.20
CA SER B 26 21.20 11.50 2.80
CA SER B 26 21.19 11.51 2.80
C SER B 26 20.98 10.27 1.93
N MET B 27 21.73 9.21 2.23
CA MET B 27 21.60 7.95 1.50
C MET B 27 20.24 7.30 1.75
N CYS B 28 19.82 7.29 3.02
CA CYS B 28 18.56 6.65 3.38
C CYS B 28 17.35 7.45 2.89
N ASP B 29 17.54 8.76 2.70
CA ASP B 29 16.48 9.63 2.18
C ASP B 29 16.15 9.29 0.73
N SER B 30 17.06 8.61 0.05
CA SER B 30 16.95 8.38 -1.39
C SER B 30 15.80 7.46 -1.77
N LEU B 31 15.42 6.55 -0.87
CA LEU B 31 14.38 5.57 -1.17
C LEU B 31 13.04 6.26 -1.45
N ALA B 32 12.50 6.03 -2.64
CA ALA B 32 11.33 6.76 -3.13
C ALA B 32 10.05 6.45 -2.36
N LYS B 33 10.00 5.28 -1.72
CA LYS B 33 8.82 4.88 -0.96
C LYS B 33 8.73 5.64 0.36
N ILE B 34 9.88 6.03 0.90
CA ILE B 34 9.93 6.84 2.11
C ILE B 34 10.84 8.06 1.94
N PRO B 35 10.48 8.97 1.02
CA PRO B 35 11.36 10.08 0.66
C PRO B 35 11.66 11.03 1.83
N LYS B 36 12.94 11.16 2.16
CA LYS B 36 13.42 12.09 3.18
C LYS B 36 12.97 11.71 4.59
N ARG B 37 12.54 10.46 4.78
CA ARG B 37 12.07 10.02 6.09
C ARG B 37 13.20 10.03 7.12
N ALA B 38 14.39 9.59 6.70
CA ALA B 38 15.54 9.56 7.59
C ALA B 38 15.90 10.96 8.05
N ASP B 39 15.77 11.92 7.16
CA ASP B 39 16.07 13.31 7.49
C ASP B 39 15.04 13.88 8.47
N MET B 40 13.77 13.60 8.21
CA MET B 40 12.71 14.05 9.11
C MET B 40 12.85 13.46 10.50
N VAL B 41 13.19 12.17 10.57
CA VAL B 41 13.39 11.50 11.84
C VAL B 41 14.54 12.13 12.62
N HIS B 42 15.68 12.30 11.95
CA HIS B 42 16.86 12.88 12.59
C HIS B 42 16.65 14.35 12.93
N SER B 43 15.98 15.09 12.05
CA SER B 43 15.77 16.52 12.28
C SER B 43 14.86 16.78 13.47
N LEU B 44 13.88 15.89 13.69
CA LEU B 44 12.98 16.05 14.82
C LEU B 44 13.70 15.68 16.12
N ILE B 45 14.49 14.61 16.06
CA ILE B 45 15.33 14.22 17.19
C ILE B 45 16.31 15.35 17.54
N GLU B 46 16.90 15.94 16.51
CA GLU B 46 17.82 17.06 16.68
C GLU B 46 17.12 18.30 17.25
N ALA B 47 15.88 18.52 16.81
CA ALA B 47 15.11 19.67 17.27
C ALA B 47 14.78 19.56 18.76
N TYR B 48 14.67 18.33 19.26
CA TYR B 48 14.46 18.11 20.69
C TYR B 48 15.79 18.00 21.42
N ALA B 49 16.88 18.12 20.67
CA ALA B 49 18.24 18.06 21.20
C ALA B 49 18.55 16.74 21.92
N LEU B 50 17.92 15.66 21.47
CA LEU B 50 18.13 14.35 22.07
C LEU B 50 19.48 13.76 21.67
N HIS B 51 20.02 14.23 20.54
CA HIS B 51 21.31 13.74 20.06
C HIS B 51 22.43 14.20 20.97
N LYS B 52 22.18 15.27 21.73
CA LYS B 52 23.15 15.80 22.68
C LYS B 52 23.39 14.82 23.82
N GLN B 53 22.41 13.97 24.10
CA GLN B 53 22.49 13.04 25.21
C GLN B 53 22.90 11.64 24.76
N MET B 54 23.32 11.53 23.50
CA MET B 54 23.71 10.24 22.95
C MET B 54 25.09 10.27 22.34
N ARG B 55 25.73 9.11 22.26
CA ARG B 55 27.04 8.99 21.63
C ARG B 55 26.88 8.77 20.13
N ILE B 56 27.14 9.81 19.35
CA ILE B 56 26.98 9.75 17.90
C ILE B 56 28.13 8.98 17.26
N VAL B 57 27.78 7.89 16.55
CA VAL B 57 28.79 7.05 15.91
C VAL B 57 28.55 6.98 14.40
N LYS B 58 29.59 7.29 13.63
CA LYS B 58 29.53 7.22 12.18
C LYS B 58 29.49 5.77 11.71
N PRO B 59 28.47 5.43 10.91
CA PRO B 59 28.33 4.07 10.38
C PRO B 59 29.36 3.72 9.30
N LYS B 60 29.88 2.50 9.35
CA LYS B 60 30.73 2.00 8.28
C LYS B 60 29.85 1.40 7.18
N VAL B 61 30.41 1.23 5.99
CA VAL B 61 29.71 0.57 4.90
C VAL B 61 30.02 -0.91 4.92
N ALA B 62 29.00 -1.75 4.79
CA ALA B 62 29.18 -3.19 4.86
C ALA B 62 29.97 -3.70 3.66
N SER B 63 30.98 -4.52 3.93
CA SER B 63 31.76 -5.16 2.87
C SER B 63 30.96 -6.31 2.27
N MET B 64 31.45 -6.85 1.15
CA MET B 64 30.79 -7.95 0.49
C MET B 64 30.75 -9.20 1.37
N GLU B 65 31.83 -9.42 2.11
CA GLU B 65 31.94 -10.58 2.99
C GLU B 65 30.95 -10.51 4.15
N GLU B 66 30.73 -9.30 4.65
CA GLU B 66 29.80 -9.10 5.75
C GLU B 66 28.36 -9.32 5.29
N MET B 67 28.03 -8.82 4.11
CA MET B 67 26.71 -9.05 3.55
C MET B 67 26.52 -10.51 3.17
N ALA B 68 27.62 -11.20 2.89
CA ALA B 68 27.57 -12.59 2.46
C ALA B 68 27.34 -13.55 3.62
N THR B 69 27.38 -13.03 4.85
CA THR B 69 27.12 -13.86 6.02
C THR B 69 25.69 -14.38 6.01
N PHE B 70 24.83 -13.71 5.24
CA PHE B 70 23.45 -14.14 5.08
C PHE B 70 23.06 -14.28 3.61
N HIS B 71 23.26 -13.21 2.85
CA HIS B 71 22.85 -13.18 1.44
C HIS B 71 23.81 -13.94 0.54
N THR B 72 23.26 -14.66 -0.42
CA THR B 72 24.06 -15.43 -1.36
C THR B 72 24.84 -14.52 -2.29
N ASP B 73 25.95 -15.03 -2.83
CA ASP B 73 26.80 -14.25 -3.73
C ASP B 73 26.04 -13.86 -5.00
N ALA B 74 25.24 -14.79 -5.52
CA ALA B 74 24.48 -14.55 -6.75
C ALA B 74 23.52 -13.38 -6.62
N TYR B 75 22.84 -13.29 -5.48
CA TYR B 75 21.92 -12.18 -5.23
C TYR B 75 22.66 -10.86 -5.08
N LEU B 76 23.76 -10.88 -4.33
CA LEU B 76 24.56 -9.68 -4.11
C LEU B 76 25.15 -9.15 -5.41
N GLN B 77 25.67 -10.06 -6.24
CA GLN B 77 26.26 -9.69 -7.52
C GLN B 77 25.18 -9.17 -8.46
N HIS B 78 23.97 -9.69 -8.32
CA HIS B 78 22.86 -9.21 -9.13
C HIS B 78 22.41 -7.84 -8.65
N LEU B 79 22.55 -7.58 -7.35
CA LEU B 79 22.23 -6.29 -6.79
C LEU B 79 23.16 -5.21 -7.31
N GLN B 80 24.42 -5.57 -7.51
CA GLN B 80 25.41 -4.64 -8.06
C GLN B 80 25.09 -4.27 -9.50
N LYS B 81 24.78 -5.28 -10.31
CA LYS B 81 24.55 -5.11 -11.73
C LYS B 81 23.37 -4.19 -12.02
N VAL B 82 22.24 -4.43 -11.35
CA VAL B 82 21.04 -3.64 -11.55
C VAL B 82 21.18 -2.24 -10.96
N SER B 83 22.20 -2.05 -10.13
CA SER B 83 22.45 -0.76 -9.51
C SER B 83 23.39 0.08 -10.37
N GLN B 84 23.95 -0.53 -11.40
CA GLN B 84 24.86 0.16 -12.31
C GLN B 84 24.19 0.42 -13.66
N ASP B 89 14.21 -5.28 -16.58
CA ASP B 89 15.42 -5.15 -17.39
C ASP B 89 16.13 -6.50 -17.52
N HIS B 90 16.91 -6.85 -16.51
CA HIS B 90 17.65 -8.10 -16.50
C HIS B 90 16.68 -9.27 -16.38
N PRO B 91 16.92 -10.35 -17.16
CA PRO B 91 16.02 -11.51 -17.21
C PRO B 91 15.96 -12.28 -15.89
N ASP B 92 17.04 -12.24 -15.12
CA ASP B 92 17.09 -12.99 -13.86
C ASP B 92 16.68 -12.13 -12.67
N SER B 93 16.16 -10.94 -12.94
CA SER B 93 15.78 -10.02 -11.87
C SER B 93 14.53 -10.46 -11.14
N ILE B 94 13.60 -11.08 -11.87
CA ILE B 94 12.30 -11.42 -11.31
C ILE B 94 12.39 -12.53 -10.25
N GLU B 95 13.47 -13.32 -10.31
CA GLU B 95 13.65 -14.39 -9.32
C GLU B 95 14.37 -13.88 -8.09
N TYR B 96 14.92 -12.66 -8.17
CA TYR B 96 15.56 -12.03 -7.03
C TYR B 96 14.70 -10.92 -6.47
N GLY B 97 13.46 -10.81 -6.99
CA GLY B 97 12.52 -9.81 -6.53
C GLY B 97 12.97 -8.39 -6.82
N LEU B 98 13.82 -8.24 -7.84
CA LEU B 98 14.37 -6.93 -8.18
C LEU B 98 13.66 -6.30 -9.37
N GLY B 99 12.35 -6.10 -9.22
CA GLY B 99 11.55 -5.48 -10.27
C GLY B 99 10.06 -5.63 -10.04
N CYS B 102 12.95 2.44 -10.66
CA CYS B 102 14.01 3.10 -9.90
C CYS B 102 13.60 3.27 -8.44
N PRO B 103 14.16 2.42 -7.56
CA PRO B 103 13.84 2.41 -6.12
C PRO B 103 14.27 3.69 -5.40
N ALA B 104 15.46 4.18 -5.70
CA ALA B 104 16.00 5.34 -5.00
C ALA B 104 16.70 6.30 -5.95
N THR B 105 17.01 7.50 -5.44
CA THR B 105 17.77 8.48 -6.22
C THR B 105 19.26 8.13 -6.21
N GLU B 106 19.61 7.14 -5.39
CA GLU B 106 20.97 6.62 -5.36
C GLU B 106 20.97 5.17 -5.84
N GLY B 107 22.16 4.60 -6.01
CA GLY B 107 22.28 3.20 -6.37
C GLY B 107 21.75 2.31 -5.27
N ILE B 108 20.89 1.36 -5.64
CA ILE B 108 20.21 0.53 -4.66
C ILE B 108 21.20 -0.37 -3.89
N PHE B 109 22.30 -0.74 -4.52
CA PHE B 109 23.30 -1.56 -3.85
C PHE B 109 24.03 -0.75 -2.78
N ASP B 110 24.38 0.49 -3.12
CA ASP B 110 25.05 1.38 -2.19
C ASP B 110 24.13 1.72 -1.02
N TYR B 111 22.84 1.87 -1.33
CA TYR B 111 21.82 2.09 -0.31
C TYR B 111 21.77 0.92 0.66
N ALA B 112 21.74 -0.30 0.11
CA ALA B 112 21.65 -1.51 0.92
C ALA B 112 22.90 -1.70 1.78
N ALA B 113 24.06 -1.50 1.18
CA ALA B 113 25.34 -1.67 1.88
C ALA B 113 25.49 -0.66 3.02
N ALA B 114 24.97 0.54 2.81
CA ALA B 114 25.06 1.59 3.82
C ALA B 114 24.23 1.26 5.04
N ILE B 115 23.04 0.71 4.83
CA ILE B 115 22.14 0.35 5.93
C ILE B 115 22.64 -0.90 6.64
N GLY B 116 23.12 -1.87 5.87
CA GLY B 116 23.67 -3.09 6.43
C GLY B 116 24.87 -2.80 7.31
N GLY B 117 25.74 -1.91 6.84
CA GLY B 117 26.93 -1.54 7.58
C GLY B 117 26.61 -0.75 8.84
N ALA B 118 25.53 0.03 8.78
CA ALA B 118 25.10 0.82 9.92
C ALA B 118 24.62 -0.06 11.06
N THR B 119 23.90 -1.13 10.72
CA THR B 119 23.38 -2.05 11.73
C THR B 119 24.52 -2.89 12.31
N ILE B 120 25.44 -3.31 11.45
CA ILE B 120 26.61 -4.05 11.90
C ILE B 120 27.46 -3.17 12.82
N THR B 121 27.60 -1.90 12.47
CA THR B 121 28.33 -0.95 13.31
C THR B 121 27.70 -0.85 14.69
N ALA B 122 26.38 -0.74 14.74
CA ALA B 122 25.67 -0.66 16.00
C ALA B 122 25.86 -1.95 16.80
N ALA B 123 25.82 -3.08 16.10
CA ALA B 123 26.03 -4.38 16.74
C ALA B 123 27.45 -4.48 17.31
N GLN B 124 28.42 -3.99 16.56
CA GLN B 124 29.81 -4.03 16.99
C GLN B 124 30.03 -3.18 18.24
N CYS B 125 29.32 -2.07 18.33
CA CYS B 125 29.37 -1.21 19.51
C CYS B 125 28.86 -1.96 20.74
N LEU B 126 27.83 -2.78 20.54
CA LEU B 126 27.31 -3.63 21.61
C LEU B 126 28.34 -4.67 22.03
N ILE B 127 29.03 -5.25 21.05
CA ILE B 127 30.08 -6.23 21.32
C ILE B 127 31.22 -5.61 22.12
N ASP B 128 31.68 -4.44 21.67
CA ASP B 128 32.82 -3.78 22.29
C ASP B 128 32.47 -3.19 23.66
N GLY B 129 31.21 -3.32 24.06
CA GLY B 129 30.78 -2.86 25.38
C GLY B 129 30.75 -1.36 25.49
N MET B 130 30.74 -0.68 24.35
CA MET B 130 30.68 0.77 24.30
C MET B 130 29.38 1.29 24.89
N CYS B 131 28.35 0.46 24.86
CA CYS B 131 27.01 0.86 25.29
C CYS B 131 26.13 -0.33 25.64
N LYS B 132 24.95 -0.04 26.18
CA LYS B 132 23.94 -1.07 26.43
C LYS B 132 22.86 -1.01 25.35
N VAL B 133 22.70 0.18 24.77
CA VAL B 133 21.71 0.40 23.73
C VAL B 133 22.33 1.05 22.50
N ALA B 134 22.08 0.48 21.34
CA ALA B 134 22.54 1.04 20.08
C ALA B 134 21.35 1.25 19.14
N ILE B 135 21.27 2.43 18.54
CA ILE B 135 20.11 2.79 17.73
C ILE B 135 20.45 3.01 16.26
N ASN B 136 19.69 2.36 15.39
CA ASN B 136 19.75 2.60 13.94
C ASN B 136 18.35 2.67 13.37
N TRP B 137 17.74 3.86 13.43
CA TRP B 137 16.35 4.04 13.02
C TRP B 137 16.10 3.78 11.53
N SER B 138 17.16 3.81 10.74
CA SER B 138 17.03 3.59 9.30
C SER B 138 17.15 2.11 8.92
N GLY B 139 17.36 1.25 9.91
CA GLY B 139 17.44 -0.17 9.67
C GLY B 139 16.14 -0.88 10.00
N GLY B 140 16.18 -2.21 10.06
CA GLY B 140 15.02 -2.99 10.44
C GLY B 140 14.26 -3.57 9.25
N TRP B 141 14.95 -3.67 8.11
CA TRP B 141 14.32 -4.18 6.90
C TRP B 141 14.29 -5.71 6.90
N HIS B 142 13.23 -6.23 7.50
CA HIS B 142 13.15 -7.63 7.91
C HIS B 142 12.53 -8.59 6.90
N HIS B 143 12.10 -8.08 5.75
CA HIS B 143 11.43 -8.94 4.77
C HIS B 143 12.41 -9.55 3.77
N ALA B 144 13.61 -9.01 3.70
CA ALA B 144 14.61 -9.49 2.75
C ALA B 144 15.06 -10.91 3.06
N LYS B 145 15.12 -11.75 2.03
CA LYS B 145 15.59 -13.11 2.19
C LYS B 145 17.01 -13.24 1.62
N LYS B 146 17.63 -14.40 1.85
CA LYS B 146 19.03 -14.60 1.47
C LYS B 146 19.27 -14.40 -0.03
N ASP B 147 18.25 -14.66 -0.84
CA ASP B 147 18.39 -14.53 -2.29
C ASP B 147 17.20 -13.83 -2.93
N GLU B 148 16.56 -12.92 -2.20
CA GLU B 148 15.35 -12.28 -2.70
C GLU B 148 15.00 -11.00 -1.95
N ALA B 149 14.71 -9.95 -2.71
CA ALA B 149 14.18 -8.71 -2.13
C ALA B 149 12.68 -8.83 -1.98
N SER B 150 12.13 -8.17 -0.95
CA SER B 150 10.71 -8.26 -0.66
C SER B 150 10.28 -7.19 0.34
N GLY B 151 9.07 -6.67 0.15
CA GLY B 151 8.51 -5.68 1.06
C GLY B 151 9.37 -4.46 1.30
N PHE B 152 9.86 -3.87 0.20
CA PHE B 152 10.72 -2.69 0.22
C PHE B 152 12.08 -2.95 0.85
N CYS B 153 12.34 -4.22 1.18
CA CYS B 153 13.62 -4.61 1.77
C CYS B 153 14.55 -5.23 0.73
N TYR B 154 15.73 -4.64 0.57
CA TYR B 154 16.70 -5.13 -0.39
C TYR B 154 17.83 -5.89 0.30
N LEU B 155 18.06 -5.52 1.56
CA LEU B 155 19.07 -6.18 2.37
C LEU B 155 18.54 -6.34 3.78
N ASN B 156 18.61 -7.56 4.33
CA ASN B 156 18.11 -7.80 5.67
C ASN B 156 19.15 -7.43 6.72
N ASP B 157 19.16 -6.16 7.10
CA ASP B 157 20.16 -5.64 8.03
C ASP B 157 19.95 -6.19 9.44
N ALA B 158 18.72 -6.59 9.74
CA ALA B 158 18.41 -7.18 11.04
C ALA B 158 19.14 -8.51 11.21
N VAL B 159 19.10 -9.34 10.18
CA VAL B 159 19.80 -10.62 10.20
C VAL B 159 21.31 -10.41 10.33
N LEU B 160 21.84 -9.45 9.56
CA LEU B 160 23.27 -9.15 9.63
C LEU B 160 23.69 -8.67 11.01
N GLY B 161 22.80 -7.92 11.66
CA GLY B 161 23.06 -7.44 13.00
C GLY B 161 23.13 -8.58 13.99
N ILE B 162 22.24 -9.55 13.84
CA ILE B 162 22.17 -10.69 14.75
C ILE B 162 23.39 -11.59 14.56
N LEU B 163 23.78 -11.82 13.31
CA LEU B 163 24.92 -12.66 12.99
C LEU B 163 26.22 -12.08 13.56
N ARG B 164 26.31 -10.75 13.59
CA ARG B 164 27.46 -10.08 14.18
C ARG B 164 27.42 -10.25 15.71
N LEU B 165 26.24 -10.09 16.29
CA LEU B 165 26.07 -10.26 17.74
C LEU B 165 26.36 -11.70 18.16
N ARG B 166 26.22 -12.63 17.22
CA ARG B 166 26.47 -14.04 17.50
C ARG B 166 27.94 -14.32 17.77
N ARG B 167 28.81 -13.35 17.49
CA ARG B 167 30.22 -13.49 17.75
C ARG B 167 30.51 -13.54 19.25
N LYS B 168 29.65 -12.87 20.03
CA LYS B 168 29.84 -12.78 21.47
C LYS B 168 28.73 -13.46 22.25
N PHE B 169 27.48 -13.24 21.83
CA PHE B 169 26.33 -13.72 22.59
C PHE B 169 25.83 -15.08 22.09
N GLU B 170 25.55 -15.97 23.03
CA GLU B 170 25.12 -17.33 22.70
C GLU B 170 23.63 -17.38 22.35
N ARG B 171 22.83 -16.61 23.07
CA ARG B 171 21.39 -16.61 22.85
C ARG B 171 20.87 -15.19 22.60
N ILE B 172 20.28 -15.00 21.43
CA ILE B 172 19.80 -13.68 21.02
C ILE B 172 18.29 -13.69 20.82
N LEU B 173 17.61 -12.69 21.40
CA LEU B 173 16.17 -12.54 21.22
C LEU B 173 15.86 -11.45 20.19
N TYR B 174 15.15 -11.84 19.15
CA TYR B 174 14.68 -10.87 18.15
C TYR B 174 13.20 -10.59 18.35
N VAL B 175 12.86 -9.34 18.59
CA VAL B 175 11.47 -8.92 18.78
C VAL B 175 11.03 -8.02 17.63
N ASP B 176 10.00 -8.43 16.91
CA ASP B 176 9.54 -7.71 15.73
C ASP B 176 8.15 -7.09 15.96
N LEU B 177 8.10 -5.78 16.14
CA LEU B 177 6.84 -5.10 16.42
C LEU B 177 6.29 -4.34 15.21
N ASP B 178 6.88 -4.60 14.05
CA ASP B 178 6.37 -4.09 12.78
C ASP B 178 4.95 -4.60 12.55
N LEU B 179 4.18 -3.90 11.73
CA LEU B 179 2.82 -4.36 11.41
C LEU B 179 2.86 -5.70 10.69
N HIS B 180 3.93 -5.93 9.93
CA HIS B 180 4.05 -7.15 9.13
C HIS B 180 4.94 -8.19 9.80
N HIS B 181 4.67 -9.46 9.50
CA HIS B 181 5.47 -10.57 9.99
C HIS B 181 6.92 -10.47 9.50
N GLY B 182 7.86 -10.55 10.44
CA GLY B 182 9.27 -10.53 10.09
C GLY B 182 9.72 -11.88 9.53
N ASP B 183 9.24 -12.22 8.34
CA ASP B 183 9.47 -13.53 7.75
C ASP B 183 10.94 -13.76 7.38
N GLY B 184 11.59 -12.70 6.90
CA GLY B 184 12.99 -12.80 6.50
C GLY B 184 13.88 -13.20 7.67
N VAL B 185 13.64 -12.61 8.83
CA VAL B 185 14.41 -12.90 10.02
C VAL B 185 14.10 -14.30 10.56
N GLU B 186 12.82 -14.65 10.58
CA GLU B 186 12.38 -15.94 11.10
C GLU B 186 12.93 -17.11 10.27
N ASP B 187 12.87 -16.96 8.95
CA ASP B 187 13.35 -18.02 8.04
C ASP B 187 14.86 -18.19 8.13
N ALA B 188 15.56 -17.09 8.40
CA ALA B 188 17.02 -17.11 8.49
C ALA B 188 17.49 -17.94 9.68
N PHE B 189 16.65 -18.02 10.71
CA PHE B 189 17.02 -18.70 11.95
C PHE B 189 16.02 -19.79 12.30
N SER B 190 15.25 -20.23 11.32
CA SER B 190 14.18 -21.19 11.54
C SER B 190 14.67 -22.52 12.11
N PHE B 191 15.89 -22.91 11.77
CA PHE B 191 16.41 -24.22 12.15
C PHE B 191 17.36 -24.18 13.34
N THR B 192 17.69 -22.98 13.80
CA THR B 192 18.58 -22.84 14.95
C THR B 192 17.82 -22.43 16.20
N SER B 193 18.40 -22.73 17.36
CA SER B 193 17.76 -22.43 18.64
C SER B 193 18.56 -21.41 19.44
N LYS B 194 19.64 -20.91 18.84
CA LYS B 194 20.49 -19.92 19.52
C LYS B 194 19.96 -18.52 19.28
N VAL B 195 19.00 -18.40 18.36
CA VAL B 195 18.30 -17.14 18.13
C VAL B 195 16.80 -17.39 18.14
N MET B 196 16.09 -16.73 19.05
CA MET B 196 14.63 -16.85 19.08
C MET B 196 13.97 -15.61 18.51
N THR B 197 13.08 -15.82 17.54
CA THR B 197 12.38 -14.71 16.89
C THR B 197 10.94 -14.61 17.39
N VAL B 198 10.56 -13.42 17.84
CA VAL B 198 9.20 -13.15 18.31
C VAL B 198 8.60 -12.03 17.48
N SER B 199 7.39 -12.24 16.97
CA SER B 199 6.78 -11.26 16.09
C SER B 199 5.29 -11.03 16.38
N LEU B 200 4.95 -9.79 16.68
CA LEU B 200 3.56 -9.36 16.75
C LEU B 200 3.20 -8.70 15.43
N HIS B 201 2.15 -9.17 14.78
CA HIS B 201 1.82 -8.72 13.43
C HIS B 201 0.39 -9.00 13.05
N LYS B 202 -0.10 -8.28 12.04
CA LYS B 202 -1.39 -8.58 11.46
C LYS B 202 -1.32 -9.87 10.66
N PHE B 203 -2.18 -10.82 11.00
CA PHE B 203 -2.28 -12.07 10.24
C PHE B 203 -3.68 -12.23 9.70
N SER B 204 -3.78 -12.29 8.38
CA SER B 204 -5.07 -12.40 7.70
C SER B 204 -4.85 -12.87 6.27
N PRO B 205 -5.72 -13.74 5.76
CA PRO B 205 -5.63 -14.24 4.39
C PRO B 205 -5.54 -13.11 3.36
N GLY B 206 -4.41 -13.02 2.67
CA GLY B 206 -4.21 -11.99 1.67
C GLY B 206 -3.29 -10.89 2.12
N PHE B 207 -3.06 -10.79 3.43
CA PHE B 207 -2.22 -9.74 3.98
C PHE B 207 -0.74 -10.13 3.95
N PHE B 208 0.09 -9.22 3.47
CA PHE B 208 1.53 -9.45 3.33
C PHE B 208 2.21 -9.72 4.67
N PRO B 209 3.12 -10.72 4.70
CA PRO B 209 3.49 -11.60 3.59
C PRO B 209 2.71 -12.92 3.57
N GLY B 210 1.68 -13.03 4.42
CA GLY B 210 0.83 -14.21 4.42
C GLY B 210 1.24 -15.27 5.42
N THR B 211 2.50 -15.21 5.87
CA THR B 211 3.01 -16.17 6.83
C THR B 211 2.95 -15.62 8.26
N GLY B 212 3.26 -16.46 9.22
CA GLY B 212 3.34 -16.03 10.61
C GLY B 212 2.13 -16.35 11.47
N ASP B 213 1.54 -17.52 11.28
CA ASP B 213 0.45 -17.97 12.14
C ASP B 213 1.03 -18.43 13.48
N VAL B 214 0.16 -18.57 14.48
CA VAL B 214 0.61 -18.98 15.80
C VAL B 214 1.11 -20.43 15.77
N SER B 215 0.71 -21.17 14.75
CA SER B 215 1.11 -22.57 14.61
C SER B 215 2.54 -22.72 14.12
N ASP B 216 3.03 -21.70 13.41
CA ASP B 216 4.41 -21.71 12.93
C ASP B 216 5.38 -21.46 14.09
N VAL B 217 6.16 -22.47 14.42
CA VAL B 217 7.05 -22.39 15.58
C VAL B 217 8.49 -22.73 15.22
N GLY B 218 8.79 -22.73 13.93
CA GLY B 218 10.13 -23.08 13.47
C GLY B 218 10.24 -24.55 13.09
N LEU B 219 11.38 -24.94 12.55
CA LEU B 219 11.58 -26.31 12.08
C LEU B 219 12.86 -26.92 12.64
N GLY B 220 12.99 -28.24 12.49
CA GLY B 220 14.19 -28.94 12.90
C GLY B 220 14.56 -28.78 14.36
N LYS B 221 15.82 -28.49 14.62
CA LYS B 221 16.30 -28.27 15.98
C LYS B 221 15.80 -26.94 16.52
N GLY B 222 15.36 -26.06 15.62
CA GLY B 222 14.87 -24.76 16.01
C GLY B 222 13.38 -24.72 16.25
N ARG B 223 12.77 -25.89 16.39
CA ARG B 223 11.33 -25.98 16.65
C ARG B 223 11.01 -25.36 18.00
N TYR B 224 9.90 -24.62 18.04
CA TYR B 224 9.43 -23.88 19.22
C TYR B 224 10.30 -22.67 19.57
N TYR B 225 11.31 -22.41 18.74
CA TYR B 225 12.15 -21.24 18.94
C TYR B 225 11.78 -20.11 17.98
N SER B 226 10.57 -20.22 17.44
CA SER B 226 9.96 -19.13 16.67
C SER B 226 8.57 -18.85 17.24
N VAL B 227 8.34 -17.62 17.65
CA VAL B 227 7.06 -17.25 18.24
C VAL B 227 6.33 -16.21 17.38
N ASN B 228 5.13 -16.56 16.95
CA ASN B 228 4.32 -15.65 16.15
C ASN B 228 2.99 -15.32 16.84
N VAL B 229 2.66 -14.04 16.88
CA VAL B 229 1.43 -13.58 17.52
C VAL B 229 0.51 -12.89 16.52
N PRO B 230 -0.45 -13.65 15.95
CA PRO B 230 -1.43 -13.12 15.00
C PRO B 230 -2.38 -12.14 15.65
N ILE B 231 -2.47 -10.94 15.09
CA ILE B 231 -3.33 -9.89 15.63
C ILE B 231 -4.24 -9.33 14.55
N GLN B 232 -5.46 -8.95 14.91
CA GLN B 232 -6.41 -8.40 13.95
C GLN B 232 -6.42 -6.87 13.97
N ASP B 233 -7.13 -6.28 13.02
CA ASP B 233 -7.18 -4.82 12.85
C ASP B 233 -7.73 -4.08 14.05
N GLY B 234 -7.31 -2.83 14.21
CA GLY B 234 -7.91 -1.93 15.17
C GLY B 234 -7.41 -2.03 16.60
N ILE B 235 -6.38 -2.83 16.84
CA ILE B 235 -5.85 -2.97 18.19
C ILE B 235 -5.22 -1.66 18.67
N GLN B 236 -5.40 -1.35 19.96
CA GLN B 236 -4.87 -0.11 20.52
C GLN B 236 -3.87 -0.40 21.64
N ASP B 237 -3.33 0.67 22.23
CA ASP B 237 -2.20 0.61 23.16
C ASP B 237 -2.36 -0.38 24.30
N GLU B 238 -3.47 -0.28 25.05
CA GLU B 238 -3.67 -1.09 26.24
C GLU B 238 -3.64 -2.58 25.94
N LYS B 239 -4.48 -3.02 25.02
CA LYS B 239 -4.57 -4.44 24.69
C LYS B 239 -3.31 -4.97 24.02
N TYR B 240 -2.65 -4.11 23.24
CA TYR B 240 -1.41 -4.49 22.58
C TYR B 240 -0.32 -4.77 23.60
N TYR B 241 -0.19 -3.91 24.60
CA TYR B 241 0.81 -4.07 25.64
C TYR B 241 0.54 -5.31 26.47
N GLN B 242 -0.72 -5.60 26.73
CA GLN B 242 -1.11 -6.79 27.49
C GLN B 242 -0.64 -8.06 26.80
N ILE B 243 -0.82 -8.11 25.48
CA ILE B 243 -0.37 -9.24 24.68
C ILE B 243 1.15 -9.30 24.66
N CYS B 244 1.77 -8.16 24.41
CA CYS B 244 3.23 -8.08 24.27
C CYS B 244 3.93 -8.48 25.56
N GLU B 245 3.48 -7.92 26.68
CA GLU B 245 4.10 -8.19 27.98
C GLU B 245 3.98 -9.67 28.35
N SER B 246 2.80 -10.25 28.10
CA SER B 246 2.57 -11.66 28.41
C SER B 246 3.51 -12.56 27.62
N VAL B 247 3.68 -12.29 26.34
CA VAL B 247 4.54 -13.09 25.49
C VAL B 247 6.01 -12.93 25.88
N LEU B 248 6.43 -11.69 26.07
CA LEU B 248 7.83 -11.41 26.39
C LEU B 248 8.22 -11.96 27.76
N LYS B 249 7.26 -11.99 28.69
CA LYS B 249 7.52 -12.52 30.02
C LYS B 249 7.80 -14.02 29.97
N GLU B 250 7.01 -14.74 29.17
CA GLU B 250 7.20 -16.17 29.00
C GLU B 250 8.47 -16.48 28.21
N VAL B 251 8.72 -15.68 27.17
CA VAL B 251 9.90 -15.86 26.33
C VAL B 251 11.18 -15.62 27.13
N TYR B 252 11.20 -14.57 27.94
CA TYR B 252 12.36 -14.22 28.74
C TYR B 252 12.72 -15.33 29.74
N GLN B 253 11.71 -15.86 30.43
CA GLN B 253 11.93 -16.89 31.42
C GLN B 253 12.41 -18.21 30.79
N ALA B 254 11.83 -18.55 29.65
CA ALA B 254 12.14 -19.82 29.00
C ALA B 254 13.47 -19.79 28.25
N PHE B 255 13.69 -18.72 27.49
CA PHE B 255 14.86 -18.64 26.61
C PHE B 255 16.08 -18.01 27.29
N ASN B 256 15.82 -17.05 28.18
CA ASN B 256 16.87 -16.31 28.87
C ASN B 256 17.92 -15.75 27.92
N PRO B 257 17.53 -14.75 27.11
CA PRO B 257 18.44 -14.19 26.09
C PRO B 257 19.61 -13.41 26.70
N LYS B 258 20.69 -13.30 25.94
CA LYS B 258 21.86 -12.54 26.38
C LYS B 258 21.92 -11.18 25.67
N ALA B 259 21.24 -11.10 24.54
CA ALA B 259 21.18 -9.85 23.77
C ALA B 259 19.82 -9.73 23.08
N VAL B 260 19.40 -8.50 22.80
CA VAL B 260 18.10 -8.25 22.20
C VAL B 260 18.19 -7.38 20.95
N VAL B 261 17.56 -7.83 19.88
CA VAL B 261 17.40 -7.02 18.68
C VAL B 261 15.93 -6.65 18.53
N LEU B 262 15.63 -5.36 18.60
CA LEU B 262 14.26 -4.89 18.60
C LEU B 262 13.90 -4.10 17.35
N GLN B 263 12.96 -4.61 16.58
CA GLN B 263 12.47 -3.92 15.38
C GLN B 263 11.17 -3.18 15.71
N LEU B 264 11.18 -1.87 15.53
CA LEU B 264 10.04 -1.04 15.92
C LEU B 264 9.39 -0.35 14.74
N GLY B 265 8.96 -1.12 13.75
CA GLY B 265 8.26 -0.59 12.59
C GLY B 265 7.07 0.25 13.01
N ALA B 266 6.93 1.43 12.42
CA ALA B 266 5.92 2.38 12.86
C ALA B 266 4.66 2.35 11.98
N ASP B 267 4.49 1.31 11.18
CA ASP B 267 3.27 1.20 10.37
C ASP B 267 2.12 0.60 11.18
N THR B 268 2.31 0.50 12.48
CA THR B 268 1.24 0.10 13.40
C THR B 268 0.52 1.33 13.94
N ILE B 269 1.17 2.48 13.81
CA ILE B 269 0.68 3.73 14.38
C ILE B 269 -0.54 4.27 13.62
N ALA B 270 -1.51 4.78 14.37
CA ALA B 270 -2.69 5.41 13.79
C ALA B 270 -2.28 6.50 12.81
N GLY B 271 -2.90 6.50 11.64
CA GLY B 271 -2.60 7.48 10.61
C GLY B 271 -1.71 6.96 9.52
N ASP B 272 -1.23 5.73 9.69
CA ASP B 272 -0.40 5.10 8.66
C ASP B 272 -1.31 4.63 7.52
N PRO B 273 -0.85 4.82 6.27
CA PRO B 273 -1.64 4.45 5.09
C PRO B 273 -1.98 2.96 5.03
N MET B 274 -1.29 2.13 5.81
CA MET B 274 -1.64 0.72 5.93
C MET B 274 -3.01 0.57 6.58
N CYS B 275 -3.33 1.51 7.47
CA CYS B 275 -4.63 1.57 8.13
C CYS B 275 -5.08 0.24 8.71
N SER B 276 -4.24 -0.37 9.53
CA SER B 276 -4.55 -1.65 10.14
C SER B 276 -4.67 -1.54 11.65
N PHE B 277 -3.52 -1.42 12.31
CA PHE B 277 -3.51 -1.25 13.76
C PHE B 277 -3.88 0.19 14.12
N ASN B 278 -4.15 0.43 15.40
CA ASN B 278 -4.55 1.76 15.85
C ASN B 278 -3.72 2.19 17.04
N MET B 279 -2.40 2.08 16.89
CA MET B 279 -1.46 2.31 17.98
C MET B 279 -0.99 3.76 18.08
N THR B 280 -0.51 4.12 19.25
CA THR B 280 0.17 5.39 19.46
C THR B 280 1.60 5.06 19.90
N PRO B 281 2.53 6.02 19.79
CA PRO B 281 3.89 5.76 20.26
C PRO B 281 3.97 5.44 21.75
N VAL B 282 2.97 5.87 22.52
CA VAL B 282 2.93 5.62 23.95
C VAL B 282 2.83 4.12 24.24
N GLY B 283 2.01 3.43 23.47
CA GLY B 283 1.81 1.99 23.64
C GLY B 283 3.05 1.19 23.29
N ILE B 284 3.69 1.55 22.18
CA ILE B 284 4.93 0.91 21.78
C ILE B 284 6.02 1.22 22.82
N GLY B 285 5.96 2.42 23.37
CA GLY B 285 6.90 2.85 24.40
C GLY B 285 6.90 1.93 25.61
N LYS B 286 5.73 1.48 26.03
CA LYS B 286 5.61 0.59 27.18
C LYS B 286 6.25 -0.76 26.90
N CYS B 287 6.16 -1.22 25.66
CA CYS B 287 6.81 -2.46 25.25
C CYS B 287 8.32 -2.30 25.28
N LEU B 288 8.78 -1.15 24.83
CA LEU B 288 10.20 -0.82 24.82
C LEU B 288 10.77 -0.76 26.24
N LYS B 289 10.02 -0.16 27.15
CA LYS B 289 10.44 -0.06 28.54
C LYS B 289 10.58 -1.42 29.20
N TYR B 290 9.68 -2.35 28.86
CA TYR B 290 9.70 -3.68 29.45
C TYR B 290 10.93 -4.46 28.99
N ILE B 291 11.37 -4.19 27.77
CA ILE B 291 12.57 -4.84 27.25
C ILE B 291 13.82 -4.19 27.81
N LEU B 292 13.77 -2.87 27.98
CA LEU B 292 14.92 -2.12 28.49
C LEU B 292 15.24 -2.47 29.94
N GLN B 293 14.21 -2.78 30.74
CA GLN B 293 14.42 -3.06 32.15
C GLN B 293 15.09 -4.43 32.36
N TRP B 294 15.21 -5.20 31.29
CA TRP B 294 16.01 -6.43 31.31
C TRP B 294 17.49 -6.04 31.45
N GLN B 295 17.82 -4.85 30.94
CA GLN B 295 19.17 -4.32 30.96
C GLN B 295 20.17 -5.23 30.26
N LEU B 296 19.79 -5.70 29.07
CA LEU B 296 20.68 -6.48 28.22
C LEU B 296 21.20 -5.62 27.07
N ALA B 297 22.21 -6.11 26.37
CA ALA B 297 22.67 -5.47 25.15
C ALA B 297 21.52 -5.43 24.15
N THR B 298 21.09 -4.22 23.79
CA THR B 298 19.90 -4.05 22.97
C THR B 298 20.19 -3.25 21.70
N LEU B 299 19.85 -3.85 20.57
CA LEU B 299 19.97 -3.18 19.27
C LEU B 299 18.60 -2.68 18.82
N ILE B 300 18.49 -1.37 18.60
CA ILE B 300 17.23 -0.76 18.25
C ILE B 300 17.14 -0.44 16.75
N LEU B 301 16.17 -1.03 16.08
CA LEU B 301 15.99 -0.83 14.64
C LEU B 301 14.63 -0.20 14.33
N GLY B 302 14.56 0.52 13.22
CA GLY B 302 13.30 1.07 12.75
C GLY B 302 12.58 0.07 11.86
N GLY B 303 12.20 0.51 10.66
CA GLY B 303 11.54 -0.37 9.70
C GLY B 303 10.41 0.30 8.96
N GLY B 304 9.24 -0.33 8.99
CA GLY B 304 8.05 0.23 8.37
C GLY B 304 7.65 1.55 8.99
N GLY B 305 6.77 2.27 8.32
CA GLY B 305 6.35 3.59 8.76
C GLY B 305 6.27 4.53 7.57
N TYR B 306 5.08 4.70 7.04
CA TYR B 306 4.92 5.37 5.75
C TYR B 306 4.15 6.68 5.85
N ASN B 307 3.56 6.93 7.01
CA ASN B 307 3.20 8.29 7.38
C ASN B 307 4.44 8.93 7.99
N LEU B 308 5.14 9.72 7.18
CA LEU B 308 6.48 10.19 7.54
C LEU B 308 6.50 11.04 8.82
N ALA B 309 5.54 11.94 8.96
CA ALA B 309 5.47 12.79 10.13
C ALA B 309 5.20 11.98 11.39
N ASN B 310 4.26 11.04 11.30
CA ASN B 310 3.92 10.18 12.43
C ASN B 310 5.04 9.21 12.77
N THR B 311 5.77 8.75 11.76
CA THR B 311 6.91 7.86 11.99
C THR B 311 8.01 8.61 12.72
N ALA B 312 8.23 9.87 12.33
CA ALA B 312 9.19 10.72 13.01
C ALA B 312 8.73 10.98 14.44
N ARG B 313 7.44 11.27 14.60
CA ARG B 313 6.85 11.44 15.93
C ARG B 313 7.11 10.23 16.82
N CYS B 314 6.91 9.04 16.26
CA CYS B 314 7.02 7.81 17.02
C CYS B 314 8.44 7.52 17.49
N TRP B 315 9.38 7.54 16.55
CA TRP B 315 10.76 7.18 16.87
C TRP B 315 11.46 8.26 17.70
N THR B 316 11.02 9.51 17.58
CA THR B 316 11.55 10.57 18.41
C THR B 316 11.08 10.38 19.86
N TYR B 317 9.82 10.01 20.02
CA TYR B 317 9.27 9.72 21.33
C TYR B 317 9.99 8.52 21.96
N LEU B 318 10.20 7.48 21.16
CA LEU B 318 10.86 6.27 21.64
C LEU B 318 12.32 6.55 22.01
N THR B 319 12.94 7.50 21.32
CA THR B 319 14.29 7.92 21.67
C THR B 319 14.27 8.57 23.06
N GLY B 320 13.24 9.35 23.33
CA GLY B 320 13.06 9.98 24.63
C GLY B 320 12.85 8.94 25.72
N VAL B 321 12.13 7.87 25.36
CA VAL B 321 11.89 6.76 26.27
C VAL B 321 13.20 6.07 26.64
N ILE B 322 14.03 5.83 25.63
CA ILE B 322 15.34 5.23 25.83
C ILE B 322 16.22 6.12 26.72
N LEU B 323 16.14 7.42 26.50
CA LEU B 323 16.89 8.39 27.28
C LEU B 323 16.23 8.68 28.63
N GLY B 324 14.98 8.24 28.78
CA GLY B 324 14.24 8.46 30.01
C GLY B 324 13.82 9.91 30.18
N LYS B 325 13.70 10.62 29.06
CA LYS B 325 13.32 12.03 29.09
C LYS B 325 11.90 12.24 28.58
N THR B 326 11.20 13.18 29.20
CA THR B 326 9.87 13.58 28.72
C THR B 326 10.02 14.75 27.75
N LEU B 327 9.30 14.68 26.64
CA LEU B 327 9.43 15.69 25.58
C LEU B 327 8.29 16.70 25.61
N SER B 328 8.56 17.90 25.15
CA SER B 328 7.53 18.93 25.04
C SER B 328 6.46 18.50 24.05
N SER B 329 5.21 18.83 24.34
CA SER B 329 4.10 18.43 23.50
C SER B 329 4.12 19.13 22.14
N GLU B 330 4.61 20.37 22.13
CA GLU B 330 4.65 21.17 20.91
C GLU B 330 5.82 20.78 20.03
N ILE B 331 5.56 20.58 18.74
CA ILE B 331 6.63 20.30 17.78
C ILE B 331 7.50 21.53 17.61
N PRO B 332 8.79 21.41 17.93
CA PRO B 332 9.74 22.52 17.81
C PRO B 332 9.90 22.95 16.37
N ASP B 333 10.11 24.24 16.14
CA ASP B 333 10.33 24.72 14.78
C ASP B 333 11.62 24.13 14.24
N HIS B 334 11.53 23.54 13.05
CA HIS B 334 12.69 23.00 12.35
C HIS B 334 12.38 22.89 10.86
N GLU B 335 13.22 22.17 10.14
CA GLU B 335 13.14 22.11 8.68
C GLU B 335 11.79 21.62 8.17
N PHE B 336 11.19 20.66 8.86
CA PHE B 336 9.97 20.02 8.38
C PHE B 336 8.76 20.30 9.25
N PHE B 337 8.74 21.46 9.91
CA PHE B 337 7.65 21.82 10.82
C PHE B 337 6.28 21.77 10.13
N THR B 338 6.24 22.16 8.86
CA THR B 338 4.98 22.24 8.12
C THR B 338 4.36 20.87 7.84
N ALA B 339 5.14 19.80 8.04
CA ALA B 339 4.65 18.45 7.77
C ALA B 339 3.87 17.88 8.95
N TYR B 340 3.82 18.61 10.05
CA TYR B 340 3.23 18.07 11.27
C TYR B 340 1.83 18.61 11.57
N GLY B 341 1.16 19.14 10.55
CA GLY B 341 -0.20 19.58 10.69
C GLY B 341 -1.16 18.42 10.89
N PRO B 342 -2.42 18.74 11.24
CA PRO B 342 -2.91 20.10 11.47
C PRO B 342 -2.82 20.53 12.93
N ASP B 343 -2.22 19.69 13.76
CA ASP B 343 -2.14 19.92 15.20
CA ASP B 343 -2.16 19.96 15.19
C ASP B 343 -0.77 20.42 15.63
N TYR B 344 0.27 19.94 14.94
CA TYR B 344 1.65 20.32 15.23
C TYR B 344 2.06 19.99 16.67
N VAL B 345 1.54 18.88 17.18
CA VAL B 345 1.96 18.37 18.48
C VAL B 345 2.56 16.97 18.33
N LEU B 346 3.25 16.51 19.37
CA LEU B 346 3.97 15.25 19.32
C LEU B 346 3.04 14.05 19.46
N GLU B 347 1.99 14.21 20.26
CA GLU B 347 1.06 13.12 20.55
C GLU B 347 0.24 12.74 19.31
N ILE B 348 -0.15 11.47 19.24
CA ILE B 348 -0.95 10.97 18.13
C ILE B 348 -2.28 10.42 18.63
N THR B 349 -3.36 10.87 18.00
CA THR B 349 -4.70 10.45 18.38
C THR B 349 -5.14 9.21 17.59
N PRO B 350 -5.63 8.18 18.31
CA PRO B 350 -6.15 6.97 17.68
C PRO B 350 -7.35 7.26 16.77
N SER B 351 -7.42 6.56 15.64
CA SER B 351 -8.55 6.73 14.72
C SER B 351 -9.84 6.19 15.34
N CYS B 352 -10.97 6.66 14.82
CA CYS B 352 -12.27 6.22 15.32
C CYS B 352 -12.79 4.99 14.58
N ARG B 353 -12.07 3.88 14.71
CA ARG B 353 -12.51 2.63 14.12
C ARG B 353 -12.39 1.50 15.14
N PRO B 354 -13.26 0.47 15.03
CA PRO B 354 -13.34 -0.58 16.05
C PRO B 354 -12.14 -1.52 16.11
N ASP B 355 -11.97 -2.16 17.26
CA ASP B 355 -10.96 -3.17 17.46
C ASP B 355 -11.55 -4.55 17.20
N ARG B 356 -10.94 -5.29 16.27
CA ARG B 356 -11.49 -6.56 15.82
C ARG B 356 -11.02 -7.73 16.68
N ASN B 357 -10.11 -7.47 17.61
CA ASN B 357 -9.52 -8.54 18.42
C ASN B 357 -10.44 -8.98 19.56
N GLU B 358 -10.93 -10.21 19.46
CA GLU B 358 -11.79 -10.78 20.48
C GLU B 358 -10.96 -11.31 21.65
N PRO B 359 -11.34 -10.95 22.88
CA PRO B 359 -10.66 -11.33 24.12
C PRO B 359 -10.35 -12.82 24.20
N HIS B 360 -11.30 -13.67 23.81
CA HIS B 360 -11.11 -15.11 23.87
C HIS B 360 -10.03 -15.60 22.93
N ARG B 361 -10.07 -15.11 21.69
CA ARG B 361 -9.09 -15.51 20.68
C ARG B 361 -7.68 -15.09 21.11
N ILE B 362 -7.58 -13.89 21.68
CA ILE B 362 -6.32 -13.39 22.20
C ILE B 362 -5.80 -14.31 23.30
N GLN B 363 -6.68 -14.64 24.24
CA GLN B 363 -6.32 -15.54 25.34
C GLN B 363 -5.97 -16.92 24.81
N GLN B 364 -6.66 -17.33 23.75
CA GLN B 364 -6.42 -18.63 23.13
C GLN B 364 -5.02 -18.67 22.50
N ILE B 365 -4.62 -17.56 21.88
CA ILE B 365 -3.31 -17.47 21.25
C ILE B 365 -2.20 -17.50 22.30
N LEU B 366 -2.39 -16.76 23.39
CA LEU B 366 -1.41 -16.71 24.48
C LEU B 366 -1.18 -18.09 25.09
N ASN B 367 -2.26 -18.83 25.29
CA ASN B 367 -2.17 -20.17 25.87
C ASN B 367 -1.42 -21.14 24.95
N TYR B 368 -1.66 -21.02 23.66
CA TYR B 368 -0.99 -21.85 22.66
C TYR B 368 0.52 -21.57 22.66
N ILE B 369 0.88 -20.30 22.80
CA ILE B 369 2.28 -19.90 22.89
C ILE B 369 2.89 -20.37 24.20
N LYS B 370 2.12 -20.24 25.27
CA LYS B 370 2.55 -20.67 26.60
C LYS B 370 2.92 -22.15 26.60
N GLY B 371 2.16 -22.94 25.84
CA GLY B 371 2.42 -24.36 25.73
C GLY B 371 3.63 -24.66 24.87
N ASN B 372 3.85 -23.84 23.84
CA ASN B 372 5.00 -24.00 22.96
C ASN B 372 6.32 -23.75 23.69
N LEU B 373 6.34 -22.70 24.51
CA LEU B 373 7.55 -22.29 25.20
C LEU B 373 7.93 -23.23 26.34
N LYS B 374 7.01 -24.13 26.69
CA LYS B 374 7.29 -25.12 27.72
C LYS B 374 8.35 -26.10 27.24
N HIS B 375 8.44 -26.27 25.92
CA HIS B 375 9.42 -27.17 25.31
C HIS B 375 10.81 -26.55 25.27
N VAL B 376 10.88 -25.23 25.44
CA VAL B 376 12.14 -24.51 25.37
C VAL B 376 12.98 -24.72 26.63
N VAL B 377 14.16 -25.32 26.45
CA VAL B 377 15.07 -25.55 27.58
C VAL B 377 16.44 -24.93 27.30
ZN ZN C . -8.26 1.74 -5.52
K K D . -15.18 3.49 -5.68
K K E . -22.29 16.02 -9.63
C1 L8G F . -6.05 3.80 -5.03
C2 L8G F . -4.63 3.32 -4.73
C3 L8G F . -4.16 3.87 -3.40
C4 L8G F . -2.88 3.71 -3.06
C5 L8G F . -2.37 4.25 -1.75
C6 L8G F . -0.52 2.83 -1.11
C7 L8G F . 0.96 2.60 -0.99
C8 L8G F . 1.25 1.84 0.31
C9 L8G F . 0.75 2.61 1.52
C10 L8G F . 2.74 1.51 0.45
C11 L8G F . 2.71 4.12 -1.72
C12 L8G F . 3.44 5.42 -1.53
C13 L8G F . 3.91 5.93 -2.88
C14 L8G F . 4.63 5.15 -0.60
C15 L8G F . 2.73 6.55 0.36
C16 L8G F . 1.78 7.33 1.21
C17 L8G F . 2.22 7.92 2.40
C18 L8G F . 1.32 8.63 3.18
C19 L8G F . 0.00 8.75 2.76
C20 L8G F . -0.39 8.15 1.56
C21 L8G F . -1.82 8.27 1.09
C22 L8G F . -2.38 6.28 -0.31
C23 L8G F . -2.53 5.77 -1.71
N1 L8G F . -0.93 3.99 -1.61
N2 L8G F . 1.72 3.85 -0.88
N3 L8G F . 2.56 6.40 -0.87
N4 L8G F . 0.50 7.46 0.82
N5 L8G F . -2.02 7.55 -0.16
O1 L8G F . -1.30 1.95 -0.78
O2 L8G F . 3.04 3.35 -2.61
O3 L8G F . -2.60 5.55 0.65
S1 L8G F . -6.61 3.09 -6.60
S2 L8G F . 4.09 5.80 0.93
N1 IMD G . -2.65 -1.98 2.68
C2 IMD G . -2.74 -0.75 2.10
N3 IMD G . -1.80 -0.65 1.14
C4 IMD G . -1.10 -1.81 1.10
C5 IMD G . -1.63 -2.65 2.07
C1 GOL H . -19.76 -14.55 -18.41
O1 GOL H . -19.17 -14.24 -19.66
C2 GOL H . -21.22 -14.12 -18.42
O2 GOL H . -21.68 -14.06 -19.76
C3 GOL H . -22.04 -15.15 -17.66
O3 GOL H . -21.47 -15.34 -16.38
ZN ZN I . 5.66 -3.24 7.86
K K J . 6.03 -7.87 13.35
K K K . 14.80 -19.67 15.75
C1 L8G L . 6.33 -3.93 4.87
C2 L8G L . 5.89 -3.01 3.75
C3 L8G L . 5.01 -3.76 2.76
C4 L8G L . 4.82 -3.25 1.54
C5 L8G L . 3.95 -3.97 0.53
C6 L8G L . 2.70 -2.34 -0.72
C7 L8G L . 2.51 -1.52 -1.96
C8 L8G L . 1.03 -1.37 -2.25
C9 L8G L . 0.41 -2.72 -2.62
C10 L8G L . 0.76 -0.34 -3.34
C11 L8G L . 3.96 -1.49 -3.92
C12 L8G L . 4.47 -2.20 -5.14
C13 L8G L . 5.91 -1.78 -5.38
C14 L8G L . 3.58 -1.81 -6.33
C15 L8G L . 3.35 -4.19 -5.46
C16 L8G L . 2.94 -5.59 -5.13
C17 L8G L . 2.18 -6.32 -6.03
C18 L8G L . 1.79 -7.62 -5.71
C19 L8G L . 2.18 -8.16 -4.50
C20 L8G L . 2.95 -7.40 -3.62
C21 L8G L . 3.37 -7.98 -2.29
C22 L8G L . 3.64 -6.17 -0.61
C23 L8G L . 4.64 -5.26 0.07
N1 L8G L . 3.74 -3.17 -0.66
N2 L8G L . 3.07 -2.14 -3.16
N3 L8G L . 4.38 -3.65 -4.96
N4 L8G L . 3.30 -6.14 -3.94
N5 L8G L . 4.12 -7.00 -1.53
O1 L8G L . 1.91 -2.23 0.21
O2 L8G L . 4.33 -0.36 -3.66
O3 L8G L . 2.46 -6.13 -0.30
S1 L8G L . 7.25 -3.00 6.11
S2 L8G L . 2.53 -3.21 -6.51
#